data_3WFS
#
_entry.id   3WFS
#
_cell.length_a   177.210
_cell.length_b   148.110
_cell.length_c   92.250
_cell.angle_alpha   90.00
_cell.angle_beta   98.54
_cell.angle_gamma   90.00
#
_symmetry.space_group_name_H-M   'C 1 2 1'
#
loop_
_entity.id
_entity.type
_entity.pdbx_description
1 polymer 'RNA (74-MER)'
2 polymer 'Poly A polymerase'
3 non-polymer 'SULFATE ION'
#
loop_
_entity_poly.entity_id
_entity_poly.type
_entity_poly.pdbx_seq_one_letter_code
_entity_poly.pdbx_strand_id
1 'polyribonucleotide' GGCCAGGUAGCUCAGUUGGUAGAGCACUGGACUGAAAAUCCAGGUGUCGGCGGUUCGAUUCCGCCCCUGGCCAC A,B
2 'polypeptide(L)'
;(UNK)(UNK)(UNK)(UNK)(UNK)(UNK)(UNK)(UNK)(UNK)(UNK)(UNK)(UNK)(UNK)(UNK)(UNK)GLNFY
LSYFDDVAKVLPREHYCFIVGGWVRDRILGEPVGYNIDVDFLTTADPVELAKNFAKRIGGHFFVFEKRGFLIKRPTIASV
VLHLPPYRYRFDFSPLKGKDLEKALIEDLKERDFTANAIAVNLDDVLSIGAKQTIVYDPTGGIKDLEQGLLRPVSIENLK
RDPVRVLRGFRIAIEKNLQLTEDFYEFVKEDPRIVLKSAVERITHELFKIMKEKTAHKVIRELYEYGVLEAIIPEIGRLR
EVKDQGEHHIYPLDEHTLKTLEYLEQVIEDRAKYLSAELLENFGKKRVLGEFTDVELLKWGALFHDIGKPQTFAVREGKV
TFYEHDKVGAQIVREIGERLRWGDEATEFVAKLVRHHLRPFFLREAFKKGELKRRGMANFWRECGDIAPHLFLLSIADAM
ASGDEEEDIKALMETIAELESFNRNEMK(UNK)(UNK)(UNK)(UNK)(UNK)(UNK)(UNK)(UNK)(UNK)(UNK)
(UNK)(UNK)(UNK)(UNK)(UNK)(UNK)(UNK)(UNK)(UNK)(UNK)(UNK)(UNK)(UNK)(UNK)(UNK)(UNK)
(UNK)(UNK)(UNK)(UNK)(UNK)(UNK)(UNK)(UNK)(UNK)(UNK)(UNK)(UNK)(UNK)(UNK)(UNK)(UNK)
(UNK)(UNK)(UNK)(UNK)(UNK)(UNK)(UNK)(UNK)(UNK)(UNK)(UNK)(UNK)(UNK)(UNK)(UNK)(UNK)
(UNK)(UNK)(UNK)(UNK)(UNK)(UNK)
;
C,D
#
loop_
_chem_comp.id
_chem_comp.type
_chem_comp.name
_chem_comp.formula
A RNA linking ADENOSINE-5'-MONOPHOSPHATE 'C10 H14 N5 O7 P'
C RNA linking CYTIDINE-5'-MONOPHOSPHATE 'C9 H14 N3 O8 P'
G RNA linking GUANOSINE-5'-MONOPHOSPHATE 'C10 H14 N5 O8 P'
SO4 non-polymer 'SULFATE ION' 'O4 S -2'
U RNA linking URIDINE-5'-MONOPHOSPHATE 'C9 H13 N2 O9 P'
#
# COMPACT_ATOMS: atom_id res chain seq x y z
N UNK C 5 11.75 -31.87 33.10
CA UNK C 5 11.60 -33.15 32.40
C UNK C 5 10.36 -33.89 32.88
N UNK C 6 9.62 -34.47 31.94
CA UNK C 6 8.41 -35.21 32.26
C UNK C 6 8.41 -36.59 31.60
N UNK C 7 7.73 -37.55 32.23
CA UNK C 7 7.68 -38.91 31.73
C UNK C 7 6.26 -39.31 31.38
N LEU C 17 9.07 -46.55 20.97
CA LEU C 17 8.32 -47.35 20.00
C LEU C 17 7.52 -46.46 19.07
N ASN C 18 6.77 -45.53 19.65
CA ASN C 18 5.95 -44.60 18.87
C ASN C 18 6.78 -43.49 18.25
N PHE C 19 7.91 -43.19 18.88
CA PHE C 19 8.80 -42.12 18.42
C PHE C 19 9.82 -42.62 17.41
N TYR C 20 9.69 -43.87 16.99
CA TYR C 20 10.72 -44.46 16.14
C TYR C 20 10.64 -43.98 14.70
N LEU C 21 11.81 -43.76 14.13
CA LEU C 21 11.98 -43.55 12.69
C LEU C 21 13.23 -44.32 12.29
N SER C 22 13.16 -45.04 11.17
CA SER C 22 14.25 -45.92 10.75
C SER C 22 15.59 -45.20 10.65
N TYR C 23 15.57 -44.03 10.01
CA TYR C 23 16.79 -43.30 9.71
C TYR C 23 17.54 -42.82 10.95
N PHE C 24 16.88 -42.88 12.10
CA PHE C 24 17.51 -42.56 13.37
C PHE C 24 18.68 -43.52 13.62
N ASP C 25 18.54 -44.76 13.14
CA ASP C 25 19.63 -45.71 13.19
C ASP C 25 20.86 -45.15 12.48
N ASP C 26 20.65 -44.54 11.31
CA ASP C 26 21.74 -43.95 10.55
C ASP C 26 22.34 -42.76 11.28
N VAL C 27 21.59 -42.19 12.22
CA VAL C 27 22.13 -41.12 13.05
C VAL C 27 23.05 -41.71 14.11
N ALA C 28 22.71 -42.91 14.59
CA ALA C 28 23.48 -43.56 15.63
C ALA C 28 24.79 -44.15 15.10
N LYS C 29 24.80 -44.57 13.85
CA LYS C 29 25.98 -45.18 13.26
C LYS C 29 26.96 -44.12 12.76
N VAL C 30 26.56 -42.86 12.88
CA VAL C 30 27.42 -41.74 12.54
C VAL C 30 27.89 -41.04 13.81
N LEU C 31 26.94 -40.57 14.61
CA LEU C 31 27.21 -39.89 15.87
C LEU C 31 28.19 -40.64 16.75
N PRO C 32 29.27 -39.97 17.16
CA PRO C 32 30.38 -40.50 17.98
C PRO C 32 29.94 -41.00 19.35
N ARG C 33 30.80 -41.81 19.96
CA ARG C 33 30.54 -42.44 21.25
C ARG C 33 30.52 -41.42 22.39
N GLU C 34 31.24 -40.31 22.21
CA GLU C 34 31.36 -39.30 23.26
C GLU C 34 30.37 -38.15 23.12
N HIS C 35 29.56 -38.17 22.06
CA HIS C 35 28.60 -37.10 21.82
C HIS C 35 27.14 -37.56 21.92
N TYR C 36 26.26 -36.61 22.25
CA TYR C 36 24.84 -36.90 22.47
C TYR C 36 23.97 -36.22 21.42
N CYS C 37 22.80 -36.80 21.17
CA CYS C 37 21.87 -36.29 20.17
C CYS C 37 20.43 -36.20 20.70
N PHE C 38 19.71 -35.15 20.30
CA PHE C 38 18.35 -34.93 20.78
C PHE C 38 17.35 -34.69 19.65
N ILE C 39 16.19 -35.34 19.75
CA ILE C 39 15.08 -35.11 18.84
C ILE C 39 14.17 -34.01 19.39
N VAL C 40 14.02 -32.93 18.65
CA VAL C 40 13.32 -31.75 19.16
C VAL C 40 12.25 -31.29 18.18
N GLY C 41 11.20 -30.68 18.71
CA GLY C 41 10.21 -29.98 17.91
C GLY C 41 9.10 -30.82 17.32
N GLY C 42 8.67 -30.43 16.13
CA GLY C 42 7.45 -30.92 15.51
C GLY C 42 7.22 -32.42 15.52
N TRP C 43 8.24 -33.20 15.17
CA TRP C 43 8.06 -34.64 15.01
C TRP C 43 7.63 -35.25 16.33
N VAL C 44 8.08 -34.66 17.43
CA VAL C 44 7.65 -35.13 18.73
C VAL C 44 6.17 -34.83 18.94
N ARG C 45 5.80 -33.56 18.74
CA ARG C 45 4.42 -33.14 18.89
C ARG C 45 3.49 -33.95 18.01
N ASP C 46 3.88 -34.10 16.75
CA ASP C 46 3.10 -34.84 15.77
C ASP C 46 2.83 -36.25 16.28
N ARG C 47 3.86 -36.84 16.88
CA ARG C 47 3.74 -38.20 17.38
C ARG C 47 3.00 -38.26 18.72
N ILE C 48 3.10 -37.19 19.52
CA ILE C 48 2.40 -37.16 20.79
C ILE C 48 0.90 -37.08 20.55
N LEU C 49 0.51 -36.31 19.53
CA LEU C 49 -0.88 -36.21 19.13
C LEU C 49 -1.34 -37.50 18.48
N GLY C 50 -0.38 -38.34 18.11
CA GLY C 50 -0.68 -39.61 17.47
C GLY C 50 -1.14 -39.40 16.03
N GLU C 51 -0.94 -38.20 15.53
CA GLU C 51 -1.29 -37.86 14.15
C GLU C 51 -0.51 -38.72 13.17
N PRO C 52 -1.14 -39.06 12.03
CA PRO C 52 -0.52 -39.97 11.07
C PRO C 52 0.73 -39.38 10.43
N VAL C 53 1.81 -40.15 10.41
CA VAL C 53 3.00 -39.75 9.68
C VAL C 53 2.65 -39.71 8.20
N GLY C 54 2.87 -38.56 7.57
CA GLY C 54 2.46 -38.39 6.19
C GLY C 54 3.49 -38.91 5.20
N TYR C 55 3.40 -38.43 3.97
CA TYR C 55 4.39 -38.75 2.96
C TYR C 55 5.53 -37.75 3.02
N ASN C 56 5.33 -36.70 3.81
CA ASN C 56 6.35 -35.69 4.05
C ASN C 56 6.81 -35.73 5.50
N ILE C 57 8.08 -36.06 5.71
CA ILE C 57 8.59 -36.25 7.06
C ILE C 57 9.68 -35.22 7.37
N ASP C 58 9.48 -34.48 8.46
CA ASP C 58 10.41 -33.44 8.86
C ASP C 58 10.86 -33.65 10.30
N VAL C 59 12.16 -33.84 10.49
CA VAL C 59 12.71 -34.07 11.81
C VAL C 59 13.80 -33.03 12.17
N ASP C 60 13.78 -32.57 13.42
CA ASP C 60 14.72 -31.55 13.88
C ASP C 60 15.55 -32.07 15.04
N PHE C 61 16.86 -31.79 15.00
CA PHE C 61 17.81 -32.32 15.96
C PHE C 61 18.61 -31.23 16.67
N LEU C 62 19.00 -31.53 17.90
CA LEU C 62 19.96 -30.73 18.64
C LEU C 62 21.12 -31.64 19.03
N THR C 63 22.31 -31.37 18.49
CA THR C 63 23.44 -32.27 18.70
C THR C 63 24.64 -31.56 19.32
N THR C 64 25.41 -32.32 20.08
CA THR C 64 26.61 -31.78 20.73
C THR C 64 27.85 -31.98 19.87
N ALA C 65 27.71 -32.76 18.79
CA ALA C 65 28.81 -33.00 17.88
C ALA C 65 28.83 -31.93 16.79
N ASP C 66 29.67 -32.15 15.78
CA ASP C 66 29.76 -31.23 14.66
C ASP C 66 28.61 -31.46 13.68
N PRO C 67 27.70 -30.48 13.57
CA PRO C 67 26.51 -30.60 12.74
C PRO C 67 26.86 -30.82 11.28
N VAL C 68 27.93 -30.16 10.84
CA VAL C 68 28.38 -30.28 9.46
C VAL C 68 28.84 -31.71 9.14
N GLU C 69 29.75 -32.24 9.97
CA GLU C 69 30.26 -33.59 9.79
C GLU C 69 29.15 -34.63 9.94
N LEU C 70 28.34 -34.45 10.97
CA LEU C 70 27.21 -35.34 11.25
C LEU C 70 26.28 -35.42 10.05
N ALA C 71 25.84 -34.26 9.58
CA ALA C 71 24.92 -34.18 8.45
C ALA C 71 25.56 -34.71 7.17
N LYS C 72 26.87 -34.51 7.03
CA LYS C 72 27.58 -34.96 5.84
C LYS C 72 27.61 -36.49 5.75
N ASN C 73 28.04 -37.12 6.84
CA ASN C 73 28.14 -38.58 6.85
C ASN C 73 26.78 -39.25 6.89
N PHE C 74 25.84 -38.64 7.58
CA PHE C 74 24.45 -39.10 7.61
C PHE C 74 23.83 -39.04 6.21
N ALA C 75 24.06 -37.93 5.52
CA ALA C 75 23.56 -37.77 4.15
C ALA C 75 24.22 -38.75 3.21
N LYS C 76 25.49 -39.05 3.46
CA LYS C 76 26.19 -40.01 2.62
C LYS C 76 25.63 -41.42 2.88
N ARG C 77 25.17 -41.64 4.11
CA ARG C 77 24.55 -42.92 4.45
C ARG C 77 23.16 -43.11 3.82
N ILE C 78 22.27 -42.15 4.04
CA ILE C 78 20.89 -42.30 3.60
C ILE C 78 20.74 -42.01 2.11
N GLY C 79 21.77 -41.46 1.49
CA GLY C 79 21.75 -41.20 0.07
C GLY C 79 20.98 -39.95 -0.29
N GLY C 80 20.96 -38.99 0.64
CA GLY C 80 20.32 -37.71 0.38
C GLY C 80 21.35 -36.62 0.12
N HIS C 81 20.88 -35.44 -0.26
CA HIS C 81 21.76 -34.31 -0.50
C HIS C 81 21.98 -33.53 0.79
N PHE C 82 23.20 -33.03 0.99
CA PHE C 82 23.55 -32.31 2.20
C PHE C 82 23.79 -30.83 1.90
N PHE C 83 23.33 -29.97 2.80
CA PHE C 83 23.55 -28.53 2.66
C PHE C 83 23.44 -27.78 3.99
N VAL C 84 24.01 -26.58 4.05
CA VAL C 84 24.00 -25.77 5.28
C VAL C 84 23.48 -24.37 5.00
N PHE C 85 22.90 -23.72 6.01
CA PHE C 85 22.52 -22.32 5.86
C PHE C 85 22.44 -21.57 7.18
N GLU C 86 22.23 -20.25 7.09
CA GLU C 86 22.13 -19.34 8.23
C GLU C 86 23.38 -19.37 9.09
N PRO C 95 25.15 -19.09 14.51
CA PRO C 95 23.98 -19.97 14.56
C PRO C 95 23.66 -20.60 13.21
N THR C 96 24.65 -21.24 12.60
CA THR C 96 24.44 -21.90 11.32
C THR C 96 23.81 -23.27 11.54
N ILE C 97 22.69 -23.52 10.85
CA ILE C 97 22.03 -24.82 10.92
C ILE C 97 22.23 -25.63 9.65
N ALA C 98 22.30 -26.95 9.82
CA ALA C 98 22.66 -27.84 8.73
C ALA C 98 21.43 -28.66 8.36
N SER C 99 21.38 -29.19 7.16
CA SER C 99 20.20 -29.92 6.71
C SER C 99 20.52 -31.01 5.69
N VAL C 100 19.72 -32.08 5.76
CA VAL C 100 19.77 -33.17 4.79
C VAL C 100 18.40 -33.37 4.16
N VAL C 101 18.36 -33.45 2.84
CA VAL C 101 17.12 -33.64 2.11
C VAL C 101 17.13 -34.92 1.31
N LEU C 102 16.12 -35.77 1.51
CA LEU C 102 16.03 -37.02 0.75
C LEU C 102 14.70 -37.08 0.01
N HIS C 103 14.77 -37.08 -1.32
CA HIS C 103 13.55 -36.91 -2.12
C HIS C 103 13.39 -37.93 -3.26
N LEU C 104 12.36 -38.75 -3.15
CA LEU C 104 11.85 -39.57 -4.25
C LEU C 104 10.34 -39.33 -4.36
N PRO C 105 9.70 -39.76 -5.46
CA PRO C 105 8.33 -39.29 -5.70
C PRO C 105 7.31 -39.53 -4.57
N PRO C 106 7.23 -40.74 -4.00
CA PRO C 106 6.21 -40.87 -2.95
C PRO C 106 6.50 -40.15 -1.64
N TYR C 107 7.77 -40.11 -1.22
CA TYR C 107 8.11 -39.60 0.11
C TYR C 107 9.22 -38.55 0.06
N ARG C 108 9.14 -37.56 0.93
CA ARG C 108 10.22 -36.59 1.04
C ARG C 108 10.60 -36.34 2.50
N TYR C 109 11.88 -36.54 2.80
CA TYR C 109 12.41 -36.38 4.14
C TYR C 109 13.27 -35.12 4.24
N ARG C 110 13.17 -34.43 5.37
CA ARG C 110 14.07 -33.34 5.68
C ARG C 110 14.53 -33.42 7.12
N PHE C 111 15.84 -33.39 7.32
CA PHE C 111 16.43 -33.45 8.66
C PHE C 111 17.26 -32.21 8.93
N ASP C 112 16.83 -31.40 9.89
CA ASP C 112 17.57 -30.21 10.26
C ASP C 112 18.40 -30.48 11.50
N PHE C 113 19.71 -30.25 11.42
CA PHE C 113 20.62 -30.46 12.52
C PHE C 113 21.06 -29.12 13.08
N SER C 114 20.87 -28.93 14.38
CA SER C 114 21.25 -27.68 15.04
C SER C 114 22.22 -27.93 16.19
N PRO C 115 23.21 -27.04 16.36
CA PRO C 115 24.26 -27.17 17.37
C PRO C 115 23.78 -26.89 18.79
N LEU C 116 24.30 -27.66 19.74
CA LEU C 116 24.03 -27.43 21.15
C LEU C 116 25.35 -27.47 21.94
N LYS C 117 25.73 -26.33 22.51
CA LYS C 117 27.01 -26.23 23.22
C LYS C 117 26.83 -25.65 24.62
N GLY C 118 27.71 -26.05 25.53
CA GLY C 118 27.70 -25.54 26.89
C GLY C 118 28.50 -26.41 27.82
N LYS C 119 28.74 -25.93 29.02
CA LYS C 119 29.43 -26.71 30.05
C LYS C 119 28.48 -27.78 30.58
N ASP C 120 27.23 -27.39 30.81
CA ASP C 120 26.20 -28.31 31.25
C ASP C 120 25.28 -28.67 30.09
N LEU C 121 25.11 -29.95 29.84
CA LEU C 121 24.26 -30.46 28.77
C LEU C 121 22.80 -30.09 28.95
N GLU C 122 22.24 -30.49 30.08
CA GLU C 122 20.82 -30.32 30.37
C GLU C 122 20.41 -28.85 30.41
N LYS C 123 21.24 -28.04 31.07
CA LYS C 123 21.01 -26.60 31.16
C LYS C 123 20.99 -25.95 29.78
N ALA C 124 21.87 -26.42 28.90
CA ALA C 124 21.95 -25.89 27.55
C ALA C 124 20.71 -26.29 26.75
N LEU C 125 20.32 -27.56 26.87
CA LEU C 125 19.13 -28.06 26.20
C LEU C 125 17.87 -27.28 26.60
N ILE C 126 17.66 -27.13 27.91
CA ILE C 126 16.53 -26.34 28.40
C ILE C 126 16.62 -24.89 27.92
N GLU C 127 17.83 -24.33 27.96
CA GLU C 127 18.09 -22.98 27.48
C GLU C 127 17.60 -22.82 26.05
N ASP C 128 17.83 -23.85 25.25
CA ASP C 128 17.39 -23.85 23.86
C ASP C 128 15.87 -23.96 23.77
N LEU C 129 15.31 -24.93 24.48
CA LEU C 129 13.87 -25.20 24.42
C LEU C 129 13.02 -24.02 24.86
N LYS C 130 13.55 -23.19 25.76
CA LYS C 130 12.82 -22.01 26.23
C LYS C 130 12.69 -20.94 25.16
N GLU C 131 13.51 -21.02 24.12
CA GLU C 131 13.53 -20.00 23.08
C GLU C 131 12.58 -20.32 21.92
N ARG C 132 12.00 -21.52 21.94
CA ARG C 132 11.13 -21.95 20.86
C ARG C 132 9.74 -21.31 20.92
N ASP C 133 9.04 -21.34 19.78
CA ASP C 133 7.81 -20.57 19.61
C ASP C 133 6.67 -21.01 20.53
N PHE C 134 6.33 -22.30 20.51
CA PHE C 134 5.20 -22.79 21.28
C PHE C 134 5.57 -23.97 22.18
N THR C 135 4.73 -24.21 23.19
CA THR C 135 4.92 -25.27 24.16
C THR C 135 5.04 -26.65 23.51
N ALA C 136 4.10 -26.97 22.62
CA ALA C 136 4.08 -28.28 21.96
C ALA C 136 5.32 -28.48 21.10
N ASN C 137 5.92 -27.40 20.64
CA ASN C 137 7.12 -27.46 19.83
C ASN C 137 8.39 -27.49 20.68
N ALA C 138 8.24 -27.19 21.96
CA ALA C 138 9.39 -27.06 22.86
C ALA C 138 9.77 -28.40 23.50
N ILE C 139 9.00 -29.45 23.19
CA ILE C 139 9.26 -30.76 23.76
C ILE C 139 10.44 -31.42 23.05
N ALA C 140 11.31 -32.07 23.83
CA ALA C 140 12.47 -32.75 23.27
C ALA C 140 12.70 -34.09 23.96
N VAL C 141 13.29 -35.03 23.22
CA VAL C 141 13.67 -36.33 23.77
C VAL C 141 15.10 -36.68 23.38
N ASN C 142 15.65 -37.68 24.06
CA ASN C 142 16.99 -38.17 23.72
C ASN C 142 16.89 -39.23 22.63
N LEU C 143 17.78 -39.16 21.65
CA LEU C 143 17.77 -40.08 20.53
C LEU C 143 17.94 -41.52 20.98
N ASP C 144 18.78 -41.73 21.99
CA ASP C 144 19.07 -43.07 22.48
C ASP C 144 17.86 -43.71 23.15
N ASP C 145 17.10 -42.91 23.90
CA ASP C 145 15.89 -43.40 24.57
C ASP C 145 14.80 -43.74 23.56
N VAL C 146 14.86 -43.10 22.40
CA VAL C 146 13.95 -43.42 21.30
C VAL C 146 14.32 -44.77 20.70
N LEU C 147 15.61 -44.95 20.45
CA LEU C 147 16.12 -46.21 19.89
C LEU C 147 16.36 -47.23 21.00
N THR C 154 11.00 -43.76 28.34
CA THR C 154 10.99 -42.57 27.50
C THR C 154 10.88 -41.31 28.32
N ILE C 155 12.00 -40.60 28.48
CA ILE C 155 12.05 -39.38 29.27
C ILE C 155 12.14 -38.17 28.34
N VAL C 156 11.18 -37.25 28.47
CA VAL C 156 11.11 -36.09 27.60
C VAL C 156 11.42 -34.80 28.36
N TYR C 157 11.91 -33.80 27.64
CA TYR C 157 12.22 -32.51 28.24
C TYR C 157 11.22 -31.46 27.78
N ASP C 158 10.37 -30.99 28.69
CA ASP C 158 9.47 -29.88 28.37
C ASP C 158 9.37 -28.92 29.54
N PRO C 159 10.34 -28.00 29.65
CA PRO C 159 10.36 -26.97 30.70
C PRO C 159 9.22 -25.98 30.53
N THR C 160 8.66 -25.93 29.33
CA THR C 160 7.58 -25.00 29.01
C THR C 160 6.21 -25.64 29.25
N GLY C 161 6.23 -26.90 29.69
CA GLY C 161 5.01 -27.63 29.98
C GLY C 161 4.13 -27.84 28.77
N GLY C 162 4.72 -28.38 27.71
CA GLY C 162 4.01 -28.58 26.45
C GLY C 162 2.93 -29.63 26.54
N ILE C 163 3.31 -30.79 27.08
CA ILE C 163 2.41 -31.94 27.15
C ILE C 163 1.12 -31.61 27.88
N LYS C 164 1.25 -30.89 28.99
CA LYS C 164 0.08 -30.44 29.75
C LYS C 164 -0.90 -29.66 28.87
N ASP C 165 -0.36 -28.83 27.98
CA ASP C 165 -1.19 -28.08 27.06
C ASP C 165 -1.75 -28.97 25.95
N LEU C 166 -1.00 -30.00 25.58
CA LEU C 166 -1.44 -30.92 24.53
C LEU C 166 -2.59 -31.80 25.00
N GLU C 167 -2.62 -32.13 26.29
CA GLU C 167 -3.72 -32.90 26.85
C GLU C 167 -4.99 -32.06 26.85
N GLN C 168 -4.82 -30.76 27.07
CA GLN C 168 -5.94 -29.83 27.11
C GLN C 168 -6.30 -29.31 25.73
N GLY C 169 -5.55 -29.76 24.72
CA GLY C 169 -5.80 -29.33 23.35
C GLY C 169 -5.40 -27.88 23.14
N LEU C 170 -4.40 -27.44 23.89
CA LEU C 170 -3.99 -26.03 23.86
C LEU C 170 -2.67 -25.82 23.14
N LEU C 171 -2.57 -24.73 22.40
CA LEU C 171 -1.30 -24.30 21.83
C LEU C 171 -0.88 -23.00 22.49
N ARG C 172 0.12 -23.09 23.35
CA ARG C 172 0.56 -21.94 24.14
C ARG C 172 1.97 -21.48 23.76
N PRO C 173 2.13 -20.20 23.39
CA PRO C 173 3.46 -19.66 23.15
C PRO C 173 4.29 -19.73 24.42
N VAL C 174 5.58 -20.04 24.27
CA VAL C 174 6.47 -20.14 25.43
C VAL C 174 6.52 -18.79 26.14
N SER C 175 6.72 -17.74 25.35
CA SER C 175 6.63 -16.37 25.85
C SER C 175 6.15 -15.46 24.73
N ILE C 176 5.46 -14.38 25.09
CA ILE C 176 5.05 -13.39 24.10
C ILE C 176 6.29 -12.66 23.59
N GLU C 177 7.36 -12.70 24.39
CA GLU C 177 8.64 -12.14 23.98
C GLU C 177 9.23 -12.96 22.84
N ASN C 178 9.07 -14.28 22.91
CA ASN C 178 9.52 -15.17 21.84
C ASN C 178 8.76 -14.92 20.55
N LEU C 179 7.48 -14.59 20.66
CA LEU C 179 6.67 -14.28 19.49
C LEU C 179 7.02 -12.91 18.93
N LYS C 180 7.38 -11.97 19.80
CA LYS C 180 7.81 -10.65 19.34
C LYS C 180 9.16 -10.72 18.65
N ARG C 181 10.03 -11.60 19.13
CA ARG C 181 11.37 -11.75 18.57
C ARG C 181 11.31 -12.28 17.13
N ASP C 182 10.36 -13.16 16.86
CA ASP C 182 10.18 -13.71 15.51
C ASP C 182 8.70 -13.74 15.14
N PRO C 183 8.19 -12.60 14.66
CA PRO C 183 6.75 -12.35 14.45
C PRO C 183 6.07 -13.30 13.45
N VAL C 184 6.83 -13.95 12.58
CA VAL C 184 6.22 -14.88 11.62
C VAL C 184 5.63 -16.08 12.36
N ARG C 185 6.10 -16.30 13.59
CA ARG C 185 5.57 -17.35 14.45
C ARG C 185 4.09 -17.09 14.73
N VAL C 186 3.72 -15.81 14.75
CA VAL C 186 2.34 -15.41 14.97
C VAL C 186 1.44 -16.01 13.90
N LEU C 187 1.99 -16.20 12.70
CA LEU C 187 1.24 -16.84 11.64
C LEU C 187 1.18 -18.35 11.86
N ARG C 188 2.30 -18.92 12.30
CA ARG C 188 2.36 -20.36 12.52
C ARG C 188 1.30 -20.79 13.53
N GLY C 189 1.13 -19.97 14.57
CA GLY C 189 0.11 -20.19 15.56
C GLY C 189 -1.24 -20.41 14.90
N PHE C 190 -1.60 -19.50 14.01
CA PHE C 190 -2.86 -19.62 13.28
C PHE C 190 -2.90 -20.91 12.46
N ARG C 191 -1.78 -21.22 11.79
CA ARG C 191 -1.71 -22.41 10.95
C ARG C 191 -1.84 -23.69 11.75
N ILE C 192 -0.91 -23.89 12.68
CA ILE C 192 -0.80 -25.15 13.42
C ILE C 192 -2.10 -25.46 14.17
N ALA C 193 -2.64 -24.43 14.82
CA ALA C 193 -3.89 -24.57 15.57
C ALA C 193 -4.99 -25.16 14.71
N ILE C 194 -5.03 -24.77 13.45
CA ILE C 194 -5.99 -25.34 12.52
C ILE C 194 -5.48 -26.66 11.97
N GLU C 195 -4.18 -26.71 11.70
CA GLU C 195 -3.57 -27.89 11.08
C GLU C 195 -3.57 -29.09 12.03
N LYS C 196 -3.25 -28.85 13.30
CA LYS C 196 -3.22 -29.89 14.31
C LYS C 196 -4.52 -29.94 15.11
N ASN C 197 -5.47 -29.11 14.72
CA ASN C 197 -6.76 -28.98 15.42
C ASN C 197 -6.58 -28.75 16.91
N LEU C 198 -5.96 -27.62 17.24
CA LEU C 198 -5.75 -27.21 18.63
C LEU C 198 -6.33 -25.81 18.83
N GLN C 199 -6.59 -25.45 20.08
CA GLN C 199 -7.07 -24.11 20.37
C GLN C 199 -5.96 -23.24 20.93
N LEU C 200 -5.68 -22.14 20.24
CA LEU C 200 -4.69 -21.19 20.69
C LEU C 200 -5.15 -20.59 22.02
N THR C 201 -4.20 -20.31 22.92
CA THR C 201 -4.54 -19.79 24.23
C THR C 201 -4.91 -18.31 24.14
N GLU C 202 -5.25 -17.72 25.28
CA GLU C 202 -5.82 -16.37 25.29
C GLU C 202 -4.79 -15.27 25.04
N ASP C 203 -3.62 -15.37 25.68
CA ASP C 203 -2.60 -14.34 25.56
C ASP C 203 -2.15 -14.17 24.11
N PHE C 204 -2.23 -15.24 23.34
CA PHE C 204 -1.89 -15.17 21.92
C PHE C 204 -2.82 -14.22 21.19
N TYR C 205 -4.13 -14.48 21.29
CA TYR C 205 -5.13 -13.64 20.65
C TYR C 205 -5.09 -12.21 21.18
N GLU C 206 -4.80 -12.06 22.47
CA GLU C 206 -4.68 -10.74 23.07
C GLU C 206 -3.53 -9.96 22.42
N PHE C 207 -2.37 -10.60 22.38
CA PHE C 207 -1.17 -10.01 21.78
C PHE C 207 -1.35 -9.70 20.30
N VAL C 208 -2.07 -10.56 19.58
CA VAL C 208 -2.39 -10.32 18.19
C VAL C 208 -3.27 -9.09 18.06
N LYS C 209 -4.26 -8.99 18.95
CA LYS C 209 -5.15 -7.83 19.00
C LYS C 209 -4.36 -6.54 19.24
N GLU C 210 -3.32 -6.64 20.07
CA GLU C 210 -2.47 -5.49 20.38
C GLU C 210 -1.87 -4.88 19.12
N ASP C 211 -0.95 -5.61 18.49
CA ASP C 211 -0.36 -5.16 17.24
C ASP C 211 -0.30 -6.28 16.19
N PRO C 212 -1.35 -6.39 15.38
CA PRO C 212 -1.40 -7.38 14.29
C PRO C 212 -0.28 -7.14 13.28
N ARG C 213 0.17 -5.88 13.23
CA ARG C 213 1.14 -5.41 12.26
C ARG C 213 2.52 -6.03 12.49
N ILE C 214 2.67 -6.66 13.66
CA ILE C 214 3.95 -7.21 14.11
C ILE C 214 4.60 -8.14 13.08
N VAL C 215 3.77 -8.91 12.38
CA VAL C 215 4.22 -9.89 11.40
C VAL C 215 5.11 -9.27 10.33
N LEU C 216 4.97 -7.96 10.12
CA LEU C 216 5.73 -7.28 9.09
C LEU C 216 7.20 -7.13 9.44
N LYS C 217 7.58 -7.47 10.67
CA LYS C 217 8.98 -7.36 11.07
C LYS C 217 9.86 -8.44 10.44
N SER C 218 9.35 -9.66 10.34
CA SER C 218 10.10 -10.74 9.72
C SER C 218 10.02 -10.69 8.19
N ALA C 219 10.80 -11.55 7.54
CA ALA C 219 10.97 -11.51 6.09
C ALA C 219 9.69 -11.80 5.32
N VAL C 220 9.58 -11.26 4.11
CA VAL C 220 8.34 -11.32 3.33
C VAL C 220 8.09 -12.72 2.78
N GLU C 221 9.14 -13.39 2.35
CA GLU C 221 9.02 -14.71 1.75
C GLU C 221 8.52 -15.74 2.77
N ARG C 222 8.85 -15.52 4.04
CA ARG C 222 8.38 -16.40 5.10
C ARG C 222 6.88 -16.25 5.32
N ILE C 223 6.41 -15.00 5.32
CA ILE C 223 4.98 -14.72 5.42
C ILE C 223 4.22 -15.32 4.24
N THR C 224 4.73 -15.08 3.03
CA THR C 224 4.16 -15.67 1.83
C THR C 224 4.04 -17.19 1.95
N HIS C 225 5.13 -17.81 2.37
CA HIS C 225 5.22 -19.26 2.49
C HIS C 225 4.21 -19.80 3.51
N GLU C 226 4.10 -19.10 4.64
CA GLU C 226 3.14 -19.50 5.67
C GLU C 226 1.71 -19.32 5.22
N LEU C 227 1.44 -18.21 4.53
CA LEU C 227 0.11 -17.94 3.95
C LEU C 227 -0.32 -19.07 3.02
N PHE C 228 0.56 -19.45 2.11
CA PHE C 228 0.30 -20.59 1.23
C PHE C 228 0.09 -21.88 2.03
N LYS C 229 0.99 -22.15 2.98
CA LYS C 229 0.86 -23.34 3.82
C LYS C 229 -0.49 -23.41 4.53
N ILE C 230 -1.04 -22.23 4.84
CA ILE C 230 -2.38 -22.15 5.41
C ILE C 230 -3.40 -22.49 4.35
N MET C 231 -3.24 -21.90 3.17
CA MET C 231 -4.15 -22.15 2.06
C MET C 231 -4.13 -23.60 1.59
N LYS C 232 -3.15 -24.37 2.06
CA LYS C 232 -2.98 -25.75 1.63
C LYS C 232 -4.06 -26.66 2.18
N GLU C 233 -4.32 -26.54 3.49
CA GLU C 233 -5.32 -27.36 4.15
C GLU C 233 -6.75 -26.93 3.81
N LYS C 234 -7.70 -27.83 4.02
CA LYS C 234 -9.07 -27.63 3.55
C LYS C 234 -9.97 -26.91 4.56
N THR C 235 -9.48 -26.69 5.77
CA THR C 235 -10.19 -25.91 6.78
C THR C 235 -9.71 -24.46 6.76
N ALA C 236 -8.88 -24.14 5.78
CA ALA C 236 -8.17 -22.85 5.69
C ALA C 236 -9.06 -21.60 5.77
N HIS C 237 -10.31 -21.72 5.36
CA HIS C 237 -11.20 -20.56 5.33
C HIS C 237 -11.46 -20.02 6.73
N LYS C 238 -11.44 -20.92 7.71
CA LYS C 238 -11.61 -20.54 9.11
C LYS C 238 -10.44 -19.68 9.57
N VAL C 239 -9.22 -20.12 9.24
CA VAL C 239 -8.02 -19.37 9.57
C VAL C 239 -7.98 -18.02 8.88
N ILE C 240 -8.40 -18.00 7.61
CA ILE C 240 -8.42 -16.76 6.85
C ILE C 240 -9.41 -15.77 7.46
N ARG C 241 -10.57 -16.27 7.87
CA ARG C 241 -11.52 -15.42 8.58
C ARG C 241 -10.91 -14.89 9.88
N GLU C 242 -10.21 -15.75 10.61
CA GLU C 242 -9.54 -15.32 11.85
C GLU C 242 -8.50 -14.23 11.57
N LEU C 243 -7.84 -14.30 10.42
CA LEU C 243 -6.83 -13.32 10.06
C LEU C 243 -7.46 -12.01 9.58
N TYR C 244 -8.67 -12.11 9.03
CA TYR C 244 -9.38 -10.90 8.61
C TYR C 244 -9.96 -10.16 9.80
N GLU C 245 -10.53 -10.91 10.74
CA GLU C 245 -11.14 -10.32 11.92
C GLU C 245 -10.09 -9.69 12.84
N TYR C 246 -8.95 -10.36 12.99
CA TYR C 246 -7.88 -9.85 13.82
C TYR C 246 -6.98 -8.87 13.06
N GLY C 247 -7.30 -8.65 11.79
CA GLY C 247 -6.61 -7.65 10.99
C GLY C 247 -5.17 -7.95 10.62
N VAL C 248 -4.75 -9.20 10.80
CA VAL C 248 -3.42 -9.61 10.39
C VAL C 248 -3.37 -9.67 8.87
N LEU C 249 -4.43 -10.23 8.29
CA LEU C 249 -4.56 -10.32 6.84
C LEU C 249 -4.55 -8.94 6.19
N GLU C 250 -5.21 -7.98 6.83
CA GLU C 250 -5.21 -6.60 6.33
C GLU C 250 -3.80 -6.02 6.37
N ALA C 251 -3.09 -6.30 7.46
CA ALA C 251 -1.72 -5.81 7.61
C ALA C 251 -0.83 -6.38 6.52
N ILE C 252 -1.00 -7.66 6.21
CA ILE C 252 -0.22 -8.30 5.16
C ILE C 252 -0.73 -7.94 3.77
N ILE C 253 -2.06 -7.95 3.61
CA ILE C 253 -2.68 -7.55 2.36
C ILE C 253 -3.68 -6.41 2.58
N PRO C 254 -3.20 -5.16 2.48
CA PRO C 254 -4.00 -3.95 2.72
C PRO C 254 -5.25 -3.86 1.84
N GLU C 255 -5.15 -4.34 0.61
CA GLU C 255 -6.22 -4.24 -0.37
C GLU C 255 -7.48 -5.01 0.04
N ILE C 256 -7.33 -5.88 1.04
CA ILE C 256 -8.46 -6.62 1.58
C ILE C 256 -9.34 -5.69 2.41
N GLY C 257 -8.71 -4.78 3.15
CA GLY C 257 -9.41 -3.85 4.01
C GLY C 257 -10.37 -2.94 3.26
N ARG C 258 -10.15 -2.81 1.95
CA ARG C 258 -10.97 -1.94 1.13
C ARG C 258 -12.22 -2.65 0.63
N LEU C 259 -12.39 -3.91 1.03
CA LEU C 259 -13.63 -4.63 0.74
C LEU C 259 -14.74 -4.23 1.70
N ARG C 260 -14.36 -3.62 2.82
CA ARG C 260 -15.30 -3.26 3.88
C ARG C 260 -16.09 -1.98 3.59
N GLU C 261 -15.42 -0.99 3.00
CA GLU C 261 -16.01 0.34 2.82
C GLU C 261 -17.23 0.34 1.90
N VAL C 262 -17.41 -0.72 1.13
CA VAL C 262 -18.56 -0.82 0.25
C VAL C 262 -19.60 -1.80 0.78
N LYS C 263 -20.84 -1.33 0.91
CA LYS C 263 -21.93 -2.16 1.41
C LYS C 263 -22.80 -2.65 0.26
N ASP C 264 -23.26 -3.89 0.36
CA ASP C 264 -24.05 -4.49 -0.70
C ASP C 264 -25.54 -4.23 -0.51
N PRO C 272 -22.82 -6.64 2.53
CA PRO C 272 -21.58 -7.06 3.18
C PRO C 272 -20.63 -7.79 2.22
N LEU C 273 -19.63 -7.08 1.72
CA LEU C 273 -18.72 -7.62 0.71
C LEU C 273 -17.70 -8.58 1.30
N ASP C 274 -17.16 -8.25 2.47
CA ASP C 274 -16.16 -9.09 3.13
C ASP C 274 -16.75 -10.45 3.48
N GLU C 275 -17.96 -10.46 4.00
CA GLU C 275 -18.66 -11.69 4.32
C GLU C 275 -18.96 -12.47 3.05
N HIS C 276 -19.23 -11.74 1.96
CA HIS C 276 -19.48 -12.34 0.67
C HIS C 276 -18.25 -13.09 0.15
N THR C 277 -17.09 -12.46 0.24
CA THR C 277 -15.86 -13.07 -0.24
C THR C 277 -15.40 -14.24 0.64
N LEU C 278 -15.50 -14.07 1.95
CA LEU C 278 -15.11 -15.15 2.87
C LEU C 278 -16.01 -16.37 2.71
N LYS C 279 -17.32 -16.12 2.58
CA LYS C 279 -18.27 -17.21 2.36
C LYS C 279 -18.07 -17.82 0.98
N THR C 280 -17.67 -16.99 0.02
CA THR C 280 -17.31 -17.45 -1.32
C THR C 280 -16.15 -18.42 -1.21
N LEU C 281 -15.21 -18.13 -0.32
CA LEU C 281 -14.05 -18.98 -0.12
C LEU C 281 -14.43 -20.32 0.52
N GLU C 282 -15.23 -20.27 1.59
CA GLU C 282 -15.68 -21.50 2.24
C GLU C 282 -16.44 -22.38 1.24
N TYR C 283 -17.36 -21.78 0.50
CA TYR C 283 -18.10 -22.48 -0.53
C TYR C 283 -17.16 -22.99 -1.63
N LEU C 284 -16.07 -22.29 -1.89
CA LEU C 284 -15.11 -22.76 -2.87
C LEU C 284 -14.40 -24.00 -2.39
N GLU C 285 -14.15 -24.10 -1.08
CA GLU C 285 -13.54 -25.30 -0.55
C GLU C 285 -14.53 -26.47 -0.60
N GLN C 286 -15.79 -26.20 -0.24
CA GLN C 286 -16.83 -27.22 -0.38
C GLN C 286 -16.95 -27.72 -1.82
N VAL C 287 -16.93 -26.80 -2.77
CA VAL C 287 -17.05 -27.13 -4.19
C VAL C 287 -15.82 -27.89 -4.67
N ILE C 288 -14.65 -27.51 -4.16
CA ILE C 288 -13.39 -28.18 -4.46
C ILE C 288 -13.43 -29.64 -4.03
N GLU C 289 -13.98 -29.89 -2.84
CA GLU C 289 -14.14 -31.27 -2.38
C GLU C 289 -15.14 -32.04 -3.24
N ASP C 290 -16.10 -31.30 -3.81
CA ASP C 290 -17.14 -31.89 -4.64
C ASP C 290 -16.78 -31.86 -6.13
N ARG C 291 -15.56 -31.43 -6.43
CA ARG C 291 -15.12 -31.18 -7.81
C ARG C 291 -15.32 -32.38 -8.74
N ALA C 292 -15.43 -33.56 -8.15
CA ALA C 292 -15.54 -34.78 -8.94
C ALA C 292 -16.88 -34.86 -9.67
N LYS C 293 -17.95 -34.44 -9.01
CA LYS C 293 -19.28 -34.49 -9.60
C LYS C 293 -19.63 -33.28 -10.45
N TYR C 294 -18.86 -32.20 -10.33
CA TYR C 294 -19.07 -31.02 -11.15
C TYR C 294 -18.34 -31.05 -12.49
N LEU C 295 -17.01 -31.10 -12.48
CA LEU C 295 -16.23 -31.12 -13.72
C LEU C 295 -16.28 -32.50 -14.41
N SER C 296 -16.03 -32.49 -15.71
CA SER C 296 -15.92 -33.74 -16.47
C SER C 296 -14.60 -34.44 -16.14
N ALA C 297 -14.39 -35.59 -16.76
CA ALA C 297 -13.20 -36.39 -16.46
C ALA C 297 -11.92 -35.76 -17.02
N GLU C 298 -11.99 -35.27 -18.25
CA GLU C 298 -10.83 -34.68 -18.90
C GLU C 298 -10.40 -33.37 -18.25
N LEU C 299 -11.34 -32.65 -17.66
CA LEU C 299 -11.00 -31.42 -16.94
C LEU C 299 -10.47 -31.70 -15.55
N LEU C 300 -10.89 -32.81 -14.96
CA LEU C 300 -10.39 -33.23 -13.65
C LEU C 300 -9.05 -33.94 -13.76
N GLU C 301 -8.69 -34.34 -14.97
CA GLU C 301 -7.46 -35.09 -15.21
C GLU C 301 -6.20 -34.42 -14.66
N ASN C 302 -5.92 -33.21 -15.14
CA ASN C 302 -4.71 -32.49 -14.73
C ASN C 302 -4.93 -31.46 -13.62
N PHE C 303 -6.13 -31.40 -13.08
CA PHE C 303 -6.43 -30.45 -12.01
C PHE C 303 -5.64 -30.77 -10.75
N GLY C 304 -4.90 -29.78 -10.24
CA GLY C 304 -4.15 -29.94 -9.01
C GLY C 304 -2.71 -30.34 -9.24
N LYS C 305 -2.35 -30.53 -10.50
CA LYS C 305 -1.02 -31.04 -10.84
C LYS C 305 0.01 -29.96 -11.14
N LYS C 306 -0.44 -28.70 -11.21
CA LYS C 306 0.46 -27.59 -11.48
C LYS C 306 1.18 -27.19 -10.20
N ARG C 307 2.51 -27.27 -10.18
CA ARG C 307 3.27 -26.98 -8.96
C ARG C 307 3.69 -25.51 -8.90
N VAL C 308 3.42 -24.87 -7.78
CA VAL C 308 3.78 -23.49 -7.60
C VAL C 308 4.53 -23.32 -6.29
N LEU C 309 5.66 -22.62 -6.34
CA LEU C 309 6.47 -22.42 -5.16
C LEU C 309 6.92 -23.77 -4.62
N GLY C 310 7.15 -24.70 -5.53
CA GLY C 310 7.67 -25.99 -5.17
C GLY C 310 6.72 -26.94 -4.49
N GLU C 311 6.14 -26.52 -3.37
CA GLU C 311 5.32 -27.45 -2.60
C GLU C 311 3.81 -27.25 -2.77
N PHE C 312 3.41 -26.24 -3.52
CA PHE C 312 2.00 -25.89 -3.61
C PHE C 312 1.44 -26.07 -5.01
N THR C 313 0.13 -26.29 -5.10
CA THR C 313 -0.53 -26.56 -6.36
C THR C 313 -1.45 -25.42 -6.77
N ASP C 314 -2.12 -25.58 -7.90
CA ASP C 314 -3.05 -24.57 -8.40
C ASP C 314 -4.32 -24.49 -7.56
N VAL C 315 -4.46 -25.41 -6.60
CA VAL C 315 -5.60 -25.39 -5.69
C VAL C 315 -5.48 -24.20 -4.72
N GLU C 316 -4.28 -24.02 -4.18
CA GLU C 316 -3.99 -22.86 -3.34
C GLU C 316 -4.24 -21.58 -4.13
N LEU C 317 -3.83 -21.61 -5.39
CA LEU C 317 -4.04 -20.49 -6.29
C LEU C 317 -5.52 -20.26 -6.55
N LEU C 318 -6.30 -21.33 -6.50
CA LEU C 318 -7.75 -21.23 -6.63
C LEU C 318 -8.32 -20.50 -5.43
N LYS C 319 -7.90 -20.91 -4.23
CA LYS C 319 -8.43 -20.26 -3.01
C LYS C 319 -8.00 -18.80 -2.92
N TRP C 320 -6.76 -18.52 -3.31
CA TRP C 320 -6.28 -17.14 -3.37
C TRP C 320 -7.07 -16.36 -4.40
N GLY C 321 -7.44 -17.03 -5.48
CA GLY C 321 -8.28 -16.46 -6.51
C GLY C 321 -9.67 -16.15 -5.99
N ALA C 322 -10.12 -16.93 -5.03
CA ALA C 322 -11.44 -16.72 -4.41
C ALA C 322 -11.41 -15.56 -3.45
N LEU C 323 -10.27 -15.38 -2.78
CA LEU C 323 -10.12 -14.24 -1.88
C LEU C 323 -10.13 -12.92 -2.65
N PHE C 324 -9.52 -12.92 -3.83
CA PHE C 324 -9.39 -11.71 -4.64
C PHE C 324 -10.47 -11.57 -5.71
N HIS C 325 -11.42 -12.50 -5.74
CA HIS C 325 -12.32 -12.63 -6.89
C HIS C 325 -13.04 -11.31 -7.20
N ASP C 326 -13.50 -10.61 -6.16
CA ASP C 326 -13.78 -9.19 -6.33
C ASP C 326 -12.86 -8.37 -5.43
N ILE C 327 -11.77 -7.85 -5.98
CA ILE C 327 -10.97 -6.86 -5.27
C ILE C 327 -11.16 -5.47 -5.87
N GLY C 328 -11.89 -5.41 -6.97
CA GLY C 328 -12.01 -4.21 -7.78
C GLY C 328 -13.25 -3.38 -7.55
N LYS C 329 -14.21 -3.96 -6.83
CA LYS C 329 -15.47 -3.28 -6.51
C LYS C 329 -15.31 -1.94 -5.78
N PRO C 330 -14.38 -1.84 -4.81
CA PRO C 330 -14.21 -0.52 -4.19
C PRO C 330 -13.58 0.52 -5.11
N GLN C 331 -12.92 0.09 -6.18
CA GLN C 331 -12.25 1.03 -7.07
C GLN C 331 -13.22 1.70 -8.04
N THR C 332 -14.22 0.96 -8.49
CA THR C 332 -15.22 1.50 -9.40
C THR C 332 -16.58 1.58 -8.72
N THR C 341 -23.00 0.58 -9.61
CA THR C 341 -22.57 -0.51 -10.46
C THR C 341 -21.08 -0.42 -10.76
N PHE C 342 -20.42 -1.58 -10.78
CA PHE C 342 -18.98 -1.64 -10.99
C PHE C 342 -18.66 -2.34 -12.33
N TYR C 343 -18.30 -1.55 -13.34
CA TYR C 343 -18.10 -2.07 -14.69
C TYR C 343 -16.78 -2.83 -14.89
N GLU C 344 -15.67 -2.17 -14.57
CA GLU C 344 -14.34 -2.66 -14.94
C GLU C 344 -13.64 -3.43 -13.83
N HIS C 345 -14.36 -3.68 -12.73
CA HIS C 345 -13.77 -4.21 -11.49
C HIS C 345 -12.97 -5.50 -11.68
N ASP C 346 -13.23 -6.23 -12.76
CA ASP C 346 -12.50 -7.48 -13.02
C ASP C 346 -11.08 -7.22 -13.50
N LYS C 347 -10.92 -6.28 -14.45
CA LYS C 347 -9.61 -5.90 -14.94
C LYS C 347 -8.79 -5.23 -13.84
N VAL C 348 -9.44 -4.30 -13.14
CA VAL C 348 -8.84 -3.63 -12.00
C VAL C 348 -8.39 -4.67 -10.98
N GLY C 349 -9.24 -5.68 -10.78
CA GLY C 349 -8.93 -6.79 -9.93
C GLY C 349 -7.66 -7.50 -10.38
N ALA C 350 -7.56 -7.71 -11.70
CA ALA C 350 -6.40 -8.38 -12.27
C ALA C 350 -5.11 -7.61 -11.97
N GLN C 351 -5.11 -6.31 -12.25
CA GLN C 351 -3.91 -5.51 -12.00
C GLN C 351 -3.56 -5.41 -10.51
N ILE C 352 -4.58 -5.29 -9.66
CA ILE C 352 -4.34 -5.24 -8.22
C ILE C 352 -3.69 -6.54 -7.75
N VAL C 353 -4.26 -7.66 -8.16
CA VAL C 353 -3.70 -8.97 -7.84
C VAL C 353 -2.26 -9.08 -8.33
N ARG C 354 -2.00 -8.56 -9.53
CA ARG C 354 -0.67 -8.57 -10.10
C ARG C 354 0.32 -7.79 -9.23
N GLU C 355 -0.14 -6.65 -8.72
CA GLU C 355 0.66 -5.83 -7.82
C GLU C 355 0.97 -6.56 -6.53
N ILE C 356 -0.05 -7.25 -6.00
CA ILE C 356 0.11 -8.02 -4.77
C ILE C 356 1.11 -9.14 -4.96
N GLY C 357 1.02 -9.84 -6.09
CA GLY C 357 1.94 -10.91 -6.41
C GLY C 357 3.36 -10.38 -6.54
N GLU C 358 3.49 -9.22 -7.16
CA GLU C 358 4.79 -8.54 -7.27
C GLU C 358 5.39 -8.27 -5.89
N ARG C 359 4.58 -7.70 -5.02
CA ARG C 359 5.02 -7.25 -3.71
C ARG C 359 5.33 -8.39 -2.73
N LEU C 360 4.47 -9.39 -2.71
CA LEU C 360 4.55 -10.48 -1.73
C LEU C 360 5.53 -11.56 -2.17
N ARG C 361 6.18 -11.33 -3.32
CA ARG C 361 7.24 -12.20 -3.81
C ARG C 361 6.75 -13.61 -4.13
N TRP C 362 5.58 -13.69 -4.76
CA TRP C 362 5.09 -14.96 -5.28
C TRP C 362 5.90 -15.32 -6.53
N GLY C 363 5.54 -16.40 -7.21
CA GLY C 363 6.13 -16.67 -8.51
C GLY C 363 5.62 -15.65 -9.49
N ASP C 364 6.19 -15.61 -10.70
CA ASP C 364 5.60 -14.81 -11.76
C ASP C 364 4.43 -15.58 -12.34
N GLU C 365 4.61 -16.89 -12.48
CA GLU C 365 3.58 -17.77 -13.01
C GLU C 365 2.44 -17.96 -12.02
N ALA C 366 2.75 -17.92 -10.74
CA ALA C 366 1.73 -18.03 -9.71
C ALA C 366 0.78 -16.85 -9.73
N THR C 367 1.34 -15.65 -9.66
CA THR C 367 0.55 -14.42 -9.64
C THR C 367 -0.12 -14.22 -10.99
N GLU C 368 0.53 -14.72 -12.05
CA GLU C 368 -0.04 -14.68 -13.38
C GLU C 368 -1.31 -15.53 -13.41
N PHE C 369 -1.20 -16.74 -12.87
CA PHE C 369 -2.33 -17.67 -12.82
C PHE C 369 -3.48 -17.11 -12.00
N VAL C 370 -3.18 -16.56 -10.82
CA VAL C 370 -4.22 -16.00 -9.96
C VAL C 370 -4.87 -14.78 -10.60
N ALA C 371 -4.06 -13.91 -11.20
CA ALA C 371 -4.58 -12.72 -11.87
C ALA C 371 -5.50 -13.11 -13.02
N LYS C 372 -5.03 -14.03 -13.86
CA LYS C 372 -5.83 -14.55 -14.97
C LYS C 372 -7.12 -15.17 -14.45
N LEU C 373 -7.04 -15.75 -13.27
CA LEU C 373 -8.22 -16.33 -12.61
C LEU C 373 -9.19 -15.24 -12.17
N VAL C 374 -8.66 -14.08 -11.81
CA VAL C 374 -9.49 -12.98 -11.34
C VAL C 374 -10.17 -12.21 -12.48
N ARG C 375 -9.42 -11.94 -13.54
CA ARG C 375 -9.94 -11.21 -14.70
C ARG C 375 -11.18 -11.89 -15.31
N HIS C 376 -11.12 -13.21 -15.40
CA HIS C 376 -12.14 -14.00 -16.09
C HIS C 376 -13.24 -14.50 -15.16
N HIS C 377 -13.20 -14.08 -13.91
CA HIS C 377 -14.07 -14.64 -12.87
C HIS C 377 -15.57 -14.54 -13.16
N LEU C 378 -15.97 -13.55 -13.95
CA LEU C 378 -17.38 -13.34 -14.25
C LEU C 378 -17.84 -13.93 -15.59
N ARG C 379 -16.90 -14.50 -16.34
CA ARG C 379 -17.22 -15.06 -17.66
C ARG C 379 -18.29 -16.19 -17.66
N PRO C 380 -18.19 -17.16 -16.73
CA PRO C 380 -19.22 -18.21 -16.78
C PRO C 380 -20.62 -17.70 -16.50
N PHE C 381 -20.74 -16.58 -15.79
CA PHE C 381 -22.04 -15.96 -15.55
C PHE C 381 -22.57 -15.31 -16.82
N PHE C 382 -21.68 -14.70 -17.60
CA PHE C 382 -22.06 -14.09 -18.87
C PHE C 382 -22.52 -15.15 -19.86
N LEU C 383 -21.73 -16.21 -19.99
CA LEU C 383 -22.09 -17.31 -20.87
C LEU C 383 -23.34 -18.02 -20.37
N ARG C 384 -23.53 -18.01 -19.06
CA ARG C 384 -24.75 -18.55 -18.46
C ARG C 384 -25.94 -17.72 -18.92
N GLU C 385 -25.79 -16.40 -18.87
CA GLU C 385 -26.85 -15.51 -19.33
C GLU C 385 -27.13 -15.70 -20.82
N ALA C 386 -26.09 -16.05 -21.57
CA ALA C 386 -26.24 -16.35 -22.99
C ALA C 386 -26.97 -17.68 -23.19
N PHE C 387 -26.81 -18.61 -22.26
CA PHE C 387 -27.46 -19.92 -22.35
C PHE C 387 -28.92 -19.90 -21.91
N LYS C 388 -29.23 -19.12 -20.88
CA LYS C 388 -30.58 -19.05 -20.33
C LYS C 388 -31.55 -18.44 -21.33
N LYS C 389 -31.04 -17.56 -22.19
CA LYS C 389 -31.86 -16.94 -23.22
C LYS C 389 -31.73 -17.71 -24.54
N GLY C 390 -30.94 -18.78 -24.50
CA GLY C 390 -30.74 -19.64 -25.66
C GLY C 390 -29.96 -18.99 -26.78
N GLU C 391 -29.19 -17.95 -26.44
CA GLU C 391 -28.42 -17.22 -27.44
C GLU C 391 -26.99 -17.70 -27.55
N LEU C 392 -26.61 -18.66 -26.70
CA LEU C 392 -25.26 -19.20 -26.70
C LEU C 392 -25.09 -20.22 -27.82
N LYS C 393 -24.12 -19.97 -28.69
CA LYS C 393 -23.85 -20.86 -29.82
C LYS C 393 -22.36 -21.15 -29.95
N ARG C 394 -22.00 -21.86 -31.03
CA ARG C 394 -20.65 -22.36 -31.25
C ARG C 394 -19.59 -21.25 -31.16
N ARG C 395 -19.98 -20.03 -31.53
CA ARG C 395 -19.08 -18.87 -31.51
C ARG C 395 -18.57 -18.57 -30.11
N GLY C 396 -19.49 -18.34 -29.18
CA GLY C 396 -19.13 -17.97 -27.82
C GLY C 396 -18.38 -19.05 -27.08
N MET C 397 -18.71 -20.30 -27.36
CA MET C 397 -18.00 -21.45 -26.78
C MET C 397 -16.57 -21.50 -27.30
N ALA C 398 -16.43 -21.44 -28.62
CA ALA C 398 -15.11 -21.42 -29.25
C ALA C 398 -14.26 -20.28 -28.68
N ASN C 399 -14.87 -19.11 -28.54
CA ASN C 399 -14.19 -17.96 -27.96
C ASN C 399 -13.75 -18.21 -26.52
N PHE C 400 -14.63 -18.80 -25.73
CA PHE C 400 -14.34 -19.08 -24.33
C PHE C 400 -13.16 -20.02 -24.18
N TRP C 401 -13.18 -21.13 -24.94
CA TRP C 401 -12.11 -22.11 -24.85
C TRP C 401 -10.82 -21.60 -25.49
N ARG C 402 -10.95 -20.66 -26.42
CA ARG C 402 -9.77 -20.01 -26.99
C ARG C 402 -9.08 -19.12 -25.96
N GLU C 403 -9.83 -18.18 -25.40
CA GLU C 403 -9.27 -17.17 -24.50
C GLU C 403 -8.64 -17.79 -23.26
N CYS C 404 -9.44 -18.50 -22.47
CA CYS C 404 -8.91 -19.26 -21.35
C CYS C 404 -9.43 -20.70 -21.34
N GLY C 405 -8.56 -21.64 -21.67
CA GLY C 405 -8.88 -23.05 -21.52
C GLY C 405 -8.15 -23.66 -20.35
N ASP C 406 -7.13 -22.96 -19.87
CA ASP C 406 -6.23 -23.49 -18.85
C ASP C 406 -6.83 -23.38 -17.45
N ILE C 407 -7.56 -22.30 -17.20
CA ILE C 407 -8.17 -22.08 -15.91
C ILE C 407 -9.61 -22.58 -15.87
N ALA C 408 -10.04 -23.21 -16.97
CA ALA C 408 -11.42 -23.66 -17.15
C ALA C 408 -12.00 -24.44 -15.94
N PRO C 409 -11.30 -25.48 -15.44
CA PRO C 409 -11.89 -26.17 -14.29
C PRO C 409 -11.96 -25.27 -13.06
N HIS C 410 -10.87 -24.53 -12.83
CA HIS C 410 -10.77 -23.62 -11.70
C HIS C 410 -11.86 -22.57 -11.79
N LEU C 411 -12.05 -22.06 -13.01
CA LEU C 411 -13.02 -21.02 -13.28
C LEU C 411 -14.44 -21.54 -13.05
N PHE C 412 -14.69 -22.77 -13.46
CA PHE C 412 -16.00 -23.40 -13.29
C PHE C 412 -16.32 -23.56 -11.80
N LEU C 413 -15.42 -24.19 -11.07
CA LEU C 413 -15.59 -24.37 -9.62
C LEU C 413 -15.82 -23.04 -8.92
N LEU C 414 -15.02 -22.04 -9.29
CA LEU C 414 -15.10 -20.73 -8.66
C LEU C 414 -16.44 -20.06 -8.95
N SER C 415 -16.90 -20.17 -10.20
CA SER C 415 -18.16 -19.58 -10.60
C SER C 415 -19.31 -20.24 -9.83
N ILE C 416 -19.24 -21.55 -9.66
CA ILE C 416 -20.24 -22.25 -8.85
C ILE C 416 -20.24 -21.75 -7.41
N ALA C 417 -19.05 -21.63 -6.83
CA ALA C 417 -18.91 -21.14 -5.45
C ALA C 417 -19.48 -19.74 -5.28
N ASP C 418 -19.19 -18.86 -6.23
CA ASP C 418 -19.66 -17.49 -6.20
C ASP C 418 -21.17 -17.44 -6.37
N ALA C 419 -21.70 -18.31 -7.22
CA ALA C 419 -23.13 -18.40 -7.43
C ALA C 419 -23.83 -18.93 -6.19
N MET C 420 -23.10 -19.68 -5.37
CA MET C 420 -23.63 -20.16 -4.11
C MET C 420 -23.62 -19.06 -3.04
N ALA C 421 -22.54 -18.28 -3.02
CA ALA C 421 -22.36 -17.27 -1.96
C ALA C 421 -23.25 -16.05 -2.16
N SER C 422 -23.64 -15.78 -3.41
CA SER C 422 -24.46 -14.62 -3.72
C SER C 422 -25.94 -14.89 -3.48
N GLY C 423 -26.26 -16.12 -3.10
CA GLY C 423 -27.63 -16.51 -2.82
C GLY C 423 -28.51 -16.62 -4.05
N ASP C 424 -27.91 -17.00 -5.18
CA ASP C 424 -28.67 -17.22 -6.40
C ASP C 424 -29.70 -18.32 -6.18
N GLU C 425 -30.87 -18.19 -6.80
CA GLU C 425 -31.91 -19.19 -6.66
C GLU C 425 -31.47 -20.51 -7.29
N GLU C 426 -32.04 -21.61 -6.84
CA GLU C 426 -31.65 -22.95 -7.30
C GLU C 426 -31.74 -23.08 -8.82
N GLU C 427 -32.75 -22.44 -9.40
CA GLU C 427 -32.96 -22.43 -10.85
C GLU C 427 -31.74 -21.85 -11.57
N ASP C 428 -31.26 -20.73 -11.05
CA ASP C 428 -30.11 -20.03 -11.63
C ASP C 428 -28.85 -20.89 -11.53
N ILE C 429 -28.62 -21.46 -10.35
CA ILE C 429 -27.50 -22.36 -10.13
C ILE C 429 -27.51 -23.50 -11.13
N LYS C 430 -28.65 -24.16 -11.28
CA LYS C 430 -28.75 -25.30 -12.19
C LYS C 430 -28.56 -24.85 -13.63
N ALA C 431 -28.99 -23.63 -13.94
CA ALA C 431 -28.76 -23.05 -15.26
C ALA C 431 -27.26 -22.88 -15.52
N LEU C 432 -26.54 -22.43 -14.50
CA LEU C 432 -25.09 -22.28 -14.60
C LEU C 432 -24.40 -23.62 -14.80
N MET C 433 -24.77 -24.60 -13.97
CA MET C 433 -24.16 -25.91 -14.06
C MET C 433 -24.45 -26.59 -15.40
N GLU C 434 -25.62 -26.31 -15.97
CA GLU C 434 -25.95 -26.80 -17.30
C GLU C 434 -25.16 -26.06 -18.37
N THR C 435 -24.86 -24.79 -18.11
CA THR C 435 -24.00 -24.01 -19.01
C THR C 435 -22.60 -24.61 -19.06
N ILE C 436 -22.05 -24.87 -17.88
CA ILE C 436 -20.77 -25.56 -17.74
C ILE C 436 -20.81 -26.91 -18.47
N ALA C 437 -21.90 -27.64 -18.26
CA ALA C 437 -22.11 -28.91 -18.94
C ALA C 437 -22.02 -28.74 -20.46
N GLU C 438 -22.61 -27.67 -20.97
CA GLU C 438 -22.59 -27.40 -22.41
C GLU C 438 -21.20 -27.04 -22.92
N LEU C 439 -20.46 -26.24 -22.14
CA LEU C 439 -19.10 -25.89 -22.53
C LEU C 439 -18.21 -27.13 -22.59
N GLU C 440 -18.23 -27.92 -21.52
CA GLU C 440 -17.46 -29.17 -21.49
C GLU C 440 -17.88 -30.11 -22.62
N SER C 441 -19.18 -30.15 -22.89
CA SER C 441 -19.72 -31.00 -23.95
C SER C 441 -19.24 -30.52 -25.31
N PHE C 442 -19.00 -29.21 -25.43
CA PHE C 442 -18.51 -28.65 -26.68
C PHE C 442 -17.03 -28.96 -26.87
N ASN C 443 -16.27 -28.85 -25.78
CA ASN C 443 -14.84 -29.11 -25.86
C ASN C 443 -14.49 -30.58 -26.04
N ARG C 444 -15.24 -31.46 -25.38
CA ARG C 444 -14.93 -32.89 -25.37
C ARG C 444 -15.04 -33.55 -26.74
N ASN C 445 -16.20 -33.42 -27.37
CA ASN C 445 -16.48 -34.11 -28.63
C ASN C 445 -16.45 -33.16 -29.83
N GLU C 446 -17.32 -32.16 -29.81
CA GLU C 446 -17.51 -31.27 -30.97
C GLU C 446 -16.25 -30.48 -31.36
N MET C 447 -15.20 -30.54 -30.54
CA MET C 447 -13.92 -29.94 -30.90
C MET C 447 -12.87 -30.98 -31.24
N LYS C 448 -12.51 -31.03 -32.52
CA LYS C 448 -11.47 -31.94 -33.00
C LYS C 448 -10.51 -31.24 -33.94
N UNK C 473 10.80 -12.92 -45.62
CA UNK C 473 10.99 -12.45 -44.25
C UNK C 473 9.75 -12.72 -43.38
N UNK C 474 8.59 -12.38 -43.94
CA UNK C 474 7.32 -12.60 -43.26
C UNK C 474 6.39 -13.53 -44.04
N UNK C 475 6.89 -14.05 -45.16
CA UNK C 475 6.05 -14.87 -46.05
C UNK C 475 5.56 -16.12 -45.35
N UNK C 476 6.46 -16.77 -44.60
CA UNK C 476 6.09 -17.93 -43.81
C UNK C 476 5.09 -17.55 -42.73
N UNK C 477 5.29 -16.38 -42.14
CA UNK C 477 4.51 -15.92 -41.00
C UNK C 477 3.02 -15.73 -41.30
N UNK C 478 2.67 -15.18 -42.46
CA UNK C 478 1.28 -14.87 -42.74
C UNK C 478 0.61 -16.00 -43.52
N UNK C 479 1.36 -16.59 -44.45
CA UNK C 479 0.84 -17.70 -45.26
C UNK C 479 0.63 -18.95 -44.42
N UNK C 480 1.59 -19.26 -43.55
CA UNK C 480 1.48 -20.42 -42.68
C UNK C 480 0.30 -20.28 -41.73
N UNK C 481 0.17 -19.10 -41.12
CA UNK C 481 -0.93 -18.83 -40.19
C UNK C 481 -2.28 -18.86 -40.91
N UNK C 482 -2.31 -18.35 -42.14
CA UNK C 482 -3.56 -18.31 -42.91
C UNK C 482 -3.98 -19.70 -43.37
N UNK C 483 -3.02 -20.52 -43.77
CA UNK C 483 -3.32 -21.87 -44.22
C UNK C 483 -3.68 -22.76 -43.03
N UNK C 484 -3.12 -22.45 -41.88
CA UNK C 484 -3.41 -23.20 -40.67
C UNK C 484 -4.79 -22.83 -40.15
N UNK C 485 -5.15 -21.56 -40.31
CA UNK C 485 -6.45 -21.08 -39.88
C UNK C 485 -7.54 -21.58 -40.83
N UNK C 486 -7.23 -21.61 -42.11
CA UNK C 486 -8.18 -22.08 -43.11
C UNK C 486 -8.35 -23.60 -43.05
N UNK C 487 -7.30 -24.30 -42.64
CA UNK C 487 -7.37 -25.75 -42.48
C UNK C 487 -8.14 -26.10 -41.21
N UNK C 488 -8.23 -25.14 -40.30
CA UNK C 488 -8.96 -25.32 -39.05
C UNK C 488 -10.37 -24.75 -39.15
N UNK C 491 -4.93 -32.59 -51.34
CA UNK C 491 -5.38 -31.21 -51.18
C UNK C 491 -4.21 -30.28 -50.95
N UNK C 492 -3.01 -30.72 -51.32
CA UNK C 492 -1.79 -29.93 -51.13
C UNK C 492 -1.73 -28.80 -52.16
N UNK C 493 -1.70 -29.17 -53.43
CA UNK C 493 -1.60 -28.22 -54.53
C UNK C 493 -2.74 -27.21 -54.53
N UNK C 494 -3.93 -27.68 -54.14
CA UNK C 494 -5.11 -26.81 -54.07
C UNK C 494 -4.91 -25.70 -53.03
N UNK C 495 -4.51 -26.08 -51.83
CA UNK C 495 -4.23 -25.12 -50.77
C UNK C 495 -3.08 -24.21 -51.15
N UNK C 496 -2.14 -24.75 -51.91
CA UNK C 496 -1.01 -23.98 -52.43
C UNK C 496 -1.50 -22.88 -53.35
N UNK C 497 -2.41 -23.23 -54.25
CA UNK C 497 -3.02 -22.27 -55.15
C UNK C 497 -3.84 -21.23 -54.38
N UNK C 498 -4.48 -21.68 -53.31
CA UNK C 498 -5.24 -20.78 -52.44
C UNK C 498 -4.30 -19.75 -51.78
N UNK C 499 -3.11 -20.21 -51.41
CA UNK C 499 -2.10 -19.33 -50.84
C UNK C 499 -1.57 -18.36 -51.90
N UNK C 500 -1.40 -18.86 -53.11
CA UNK C 500 -0.97 -18.04 -54.23
C UNK C 500 -1.98 -16.94 -54.53
N UNK C 501 -3.25 -17.26 -54.32
CA UNK C 501 -4.33 -16.29 -54.47
C UNK C 501 -4.32 -15.32 -53.30
N UNK C 502 -3.91 -15.82 -52.13
CA UNK C 502 -3.84 -15.01 -50.92
C UNK C 502 -2.69 -14.00 -51.01
N UNK C 503 -1.70 -14.32 -51.84
CA UNK C 503 -0.54 -13.44 -52.01
C UNK C 503 -0.95 -12.16 -52.73
N UNK C 504 -1.86 -12.27 -53.68
CA UNK C 504 -2.33 -11.13 -54.45
C UNK C 504 -3.67 -10.62 -53.92
N UNK D 5 33.17 3.74 -0.76
CA UNK D 5 33.37 4.84 0.16
C UNK D 5 34.05 6.01 -0.52
N UNK D 6 33.59 7.22 -0.23
CA UNK D 6 34.15 8.43 -0.82
C UNK D 6 34.47 9.46 0.27
N UNK D 7 35.48 10.29 0.00
CA UNK D 7 35.90 11.30 0.96
C UNK D 7 35.73 12.70 0.39
N LEU D 17 32.22 19.40 10.25
CA LEU D 17 31.91 20.80 10.57
C LEU D 17 30.61 21.25 9.89
N ASN D 18 30.51 20.98 8.59
CA ASN D 18 29.34 21.37 7.81
C ASN D 18 28.17 20.43 8.07
N PHE D 19 28.48 19.21 8.46
CA PHE D 19 27.47 18.18 8.72
C PHE D 19 26.97 18.21 10.16
N TYR D 20 27.39 19.20 10.93
CA TYR D 20 27.06 19.25 12.35
C TYR D 20 25.65 19.74 12.69
N LEU D 21 25.05 19.10 13.69
CA LEU D 21 23.85 19.57 14.37
C LEU D 21 24.06 19.34 15.86
N SER D 22 23.68 20.30 16.68
CA SER D 22 23.93 20.24 18.12
C SER D 22 23.37 18.97 18.75
N TYR D 23 22.11 18.66 18.44
CA TYR D 23 21.42 17.55 19.08
C TYR D 23 22.02 16.20 18.73
N PHE D 24 22.92 16.17 17.74
CA PHE D 24 23.65 14.96 17.41
C PHE D 24 24.47 14.49 18.61
N ASP D 25 24.95 15.44 19.41
CA ASP D 25 25.63 15.10 20.66
C ASP D 25 24.70 14.26 21.52
N ASP D 26 23.45 14.70 21.64
CA ASP D 26 22.46 14.00 22.42
C ASP D 26 22.10 12.64 21.81
N VAL D 27 22.41 12.45 20.54
CA VAL D 27 22.20 11.14 19.91
C VAL D 27 23.31 10.21 20.37
N ALA D 28 24.50 10.77 20.56
CA ALA D 28 25.67 10.00 20.98
C ALA D 28 25.59 9.64 22.47
N LYS D 29 24.97 10.51 23.25
CA LYS D 29 24.87 10.31 24.70
C LYS D 29 23.75 9.35 25.06
N VAL D 30 23.04 8.88 24.03
CA VAL D 30 22.00 7.88 24.18
C VAL D 30 22.52 6.55 23.65
N LEU D 31 22.91 6.56 22.37
CA LEU D 31 23.45 5.39 21.69
C LEU D 31 24.55 4.70 22.50
N PRO D 32 24.40 3.38 22.70
CA PRO D 32 25.37 2.58 23.45
C PRO D 32 26.75 2.59 22.80
N ARG D 33 27.77 2.23 23.56
CA ARG D 33 29.14 2.28 23.07
C ARG D 33 29.41 1.21 22.02
N GLU D 34 28.66 0.12 22.06
CA GLU D 34 28.88 -1.00 21.15
C GLU D 34 27.97 -0.95 19.92
N HIS D 35 27.09 0.05 19.87
CA HIS D 35 26.17 0.19 18.74
C HIS D 35 26.51 1.43 17.92
N TYR D 36 26.19 1.39 16.63
CA TYR D 36 26.58 2.45 15.71
C TYR D 36 25.39 3.22 15.16
N CYS D 37 25.61 4.48 14.80
CA CYS D 37 24.55 5.33 14.27
C CYS D 37 25.03 6.08 13.03
N PHE D 38 24.15 6.23 12.05
CA PHE D 38 24.51 6.88 10.79
C PHE D 38 23.51 7.96 10.42
N ILE D 39 24.01 9.11 9.99
CA ILE D 39 23.15 10.20 9.50
C ILE D 39 22.92 10.05 8.00
N VAL D 40 21.66 9.87 7.63
CA VAL D 40 21.30 9.51 6.26
C VAL D 40 20.19 10.40 5.70
N GLY D 41 20.16 10.56 4.39
CA GLY D 41 19.04 11.18 3.71
C GLY D 41 19.04 12.69 3.57
N GLY D 42 17.85 13.28 3.64
CA GLY D 42 17.64 14.66 3.28
C GLY D 42 18.61 15.68 3.84
N TRP D 43 18.87 15.61 5.14
CA TRP D 43 19.72 16.58 5.82
C TRP D 43 21.16 16.55 5.32
N VAL D 44 21.63 15.37 4.92
CA VAL D 44 22.97 15.22 4.37
C VAL D 44 23.07 15.96 3.04
N ARG D 45 22.11 15.68 2.15
CA ARG D 45 22.03 16.36 0.87
C ARG D 45 21.96 17.87 1.08
N ASP D 46 21.10 18.28 2.01
CA ASP D 46 20.89 19.68 2.35
C ASP D 46 22.19 20.36 2.78
N ARG D 47 23.01 19.67 3.55
CA ARG D 47 24.26 20.27 4.01
C ARG D 47 25.30 20.27 2.90
N ILE D 48 25.23 19.27 2.02
CA ILE D 48 26.16 19.20 0.89
C ILE D 48 25.90 20.33 -0.11
N LEU D 49 24.63 20.59 -0.38
CA LEU D 49 24.26 21.70 -1.27
C LEU D 49 24.47 23.05 -0.60
N GLY D 50 24.63 23.04 0.72
CA GLY D 50 24.84 24.26 1.47
C GLY D 50 23.60 25.12 1.60
N GLU D 51 22.43 24.57 1.28
CA GLU D 51 21.18 25.31 1.43
C GLU D 51 20.98 25.69 2.88
N PRO D 52 20.38 26.86 3.13
CA PRO D 52 20.25 27.35 4.51
C PRO D 52 19.33 26.45 5.33
N VAL D 53 19.79 26.06 6.52
CA VAL D 53 18.93 25.34 7.44
C VAL D 53 17.81 26.28 7.85
N GLY D 54 16.57 25.85 7.63
CA GLY D 54 15.43 26.69 7.90
C GLY D 54 14.98 26.63 9.34
N TYR D 55 13.73 27.01 9.57
CA TYR D 55 13.12 26.88 10.89
C TYR D 55 12.48 25.51 11.03
N ASN D 56 12.46 24.77 9.93
CA ASN D 56 11.96 23.40 9.91
C ASN D 56 13.09 22.42 9.66
N ILE D 57 13.38 21.58 10.67
CA ILE D 57 14.54 20.69 10.59
C ILE D 57 14.15 19.21 10.66
N ASP D 58 14.60 18.46 9.65
CA ASP D 58 14.29 17.03 9.59
C ASP D 58 15.56 16.20 9.42
N VAL D 59 15.85 15.32 10.38
CA VAL D 59 17.03 14.49 10.30
C VAL D 59 16.67 13.01 10.38
N ASP D 60 17.34 12.20 9.56
CA ASP D 60 17.06 10.76 9.47
C ASP D 60 18.29 9.92 9.83
N PHE D 61 18.06 8.88 10.62
CA PHE D 61 19.14 8.05 11.16
C PHE D 61 18.98 6.57 10.79
N LEU D 62 20.13 5.89 10.70
CA LEU D 62 20.17 4.43 10.59
C LEU D 62 20.98 3.86 11.74
N THR D 63 20.34 3.09 12.62
CA THR D 63 21.02 2.61 13.81
C THR D 63 21.02 1.08 13.94
N THR D 64 22.07 0.56 14.57
CA THR D 64 22.21 -0.88 14.77
C THR D 64 21.64 -1.30 16.12
N ALA D 65 21.29 -0.32 16.94
CA ALA D 65 20.70 -0.58 18.26
C ALA D 65 19.19 -0.69 18.15
N ASP D 66 18.52 -0.70 19.30
CA ASP D 66 17.07 -0.76 19.33
C ASP D 66 16.53 0.65 19.07
N PRO D 67 15.87 0.83 17.91
CA PRO D 67 15.41 2.14 17.46
C PRO D 67 14.38 2.77 18.39
N VAL D 68 13.50 1.94 18.93
CA VAL D 68 12.46 2.40 19.84
C VAL D 68 13.06 2.95 21.13
N GLU D 69 13.93 2.16 21.74
CA GLU D 69 14.61 2.55 22.97
C GLU D 69 15.46 3.80 22.74
N LEU D 70 16.19 3.79 21.62
CA LEU D 70 17.04 4.90 21.23
C LEU D 70 16.23 6.19 21.17
N ALA D 71 15.13 6.15 20.42
CA ALA D 71 14.27 7.31 20.25
C ALA D 71 13.62 7.74 21.56
N LYS D 72 13.29 6.77 22.41
CA LYS D 72 12.67 7.07 23.69
C LYS D 72 13.62 7.85 24.61
N ASN D 73 14.84 7.33 24.75
CA ASN D 73 15.83 7.97 25.63
C ASN D 73 16.36 9.27 25.04
N PHE D 74 16.47 9.32 23.72
CA PHE D 74 16.83 10.56 23.03
C PHE D 74 15.77 11.64 23.27
N ALA D 75 14.52 11.25 23.16
CA ALA D 75 13.40 12.16 23.41
C ALA D 75 13.37 12.60 24.87
N LYS D 76 13.76 11.71 25.77
CA LYS D 76 13.80 12.05 27.19
C LYS D 76 14.96 13.00 27.49
N ARG D 77 16.04 12.87 26.72
CA ARG D 77 17.18 13.78 26.88
C ARG D 77 16.86 15.18 26.35
N ILE D 78 16.42 15.26 25.10
CA ILE D 78 16.21 16.57 24.48
C ILE D 78 14.89 17.20 24.91
N GLY D 79 14.03 16.42 25.55
CA GLY D 79 12.77 16.91 26.04
C GLY D 79 11.70 17.03 24.98
N GLY D 80 11.76 16.17 23.97
CA GLY D 80 10.75 16.12 22.94
C GLY D 80 9.81 14.93 23.07
N HIS D 81 8.78 14.90 22.24
CA HIS D 81 7.84 13.78 22.24
C HIS D 81 8.27 12.64 21.31
N PHE D 82 8.03 11.42 21.75
CA PHE D 82 8.39 10.20 21.01
C PHE D 82 7.20 9.43 20.50
N PHE D 83 7.31 8.85 19.30
CA PHE D 83 6.27 7.94 18.83
C PHE D 83 6.84 6.98 17.76
N VAL D 84 6.19 5.85 17.57
CA VAL D 84 6.66 4.83 16.62
C VAL D 84 5.56 4.37 15.69
N PHE D 85 5.93 3.93 14.49
CA PHE D 85 4.93 3.30 13.61
C PHE D 85 5.52 2.37 12.55
N GLU D 86 4.64 1.58 11.93
CA GLU D 86 5.03 0.63 10.89
C GLU D 86 4.44 1.03 9.53
N LYS D 87 5.14 0.64 8.46
CA LYS D 87 4.87 1.13 7.11
C LYS D 87 3.95 0.25 6.27
N ARG D 88 3.28 -0.70 6.92
CA ARG D 88 2.20 -1.53 6.36
C ARG D 88 2.64 -2.52 5.26
N GLY D 89 3.90 -2.94 5.32
CA GLY D 89 4.37 -4.08 4.56
C GLY D 89 4.42 -3.92 3.06
N PHE D 90 4.17 -2.70 2.59
CA PHE D 90 4.26 -2.39 1.17
C PHE D 90 5.70 -2.57 0.68
N LEU D 91 6.66 -2.33 1.57
CA LEU D 91 8.07 -2.38 1.21
C LEU D 91 8.95 -2.79 2.39
N ILE D 92 10.17 -3.23 2.06
CA ILE D 92 11.13 -3.78 3.02
C ILE D 92 11.45 -2.81 4.15
N LYS D 93 11.73 -3.32 5.35
CA LYS D 93 11.79 -4.75 5.66
C LYS D 93 10.47 -5.50 5.97
N ARG D 94 9.49 -4.92 6.66
CA ARG D 94 9.46 -3.55 7.16
C ARG D 94 9.49 -3.48 8.68
N PRO D 95 10.54 -2.86 9.23
CA PRO D 95 10.62 -2.71 10.68
C PRO D 95 9.88 -1.47 11.15
N THR D 96 9.96 -1.21 12.45
CA THR D 96 9.34 -0.04 13.02
C THR D 96 10.23 1.18 12.83
N ILE D 97 9.65 2.28 12.35
CA ILE D 97 10.42 3.50 12.30
C ILE D 97 9.97 4.37 13.46
N ALA D 98 10.95 5.04 14.05
CA ALA D 98 10.74 5.76 15.31
C ALA D 98 10.89 7.25 15.04
N SER D 99 10.31 8.07 15.90
CA SER D 99 10.37 9.50 15.66
C SER D 99 10.34 10.31 16.95
N VAL D 100 11.07 11.41 16.91
CA VAL D 100 11.04 12.39 17.98
C VAL D 100 10.64 13.73 17.37
N VAL D 101 9.66 14.38 17.98
CA VAL D 101 9.19 15.67 17.49
C VAL D 101 9.39 16.72 18.57
N LEU D 102 10.11 17.78 18.24
CA LEU D 102 10.36 18.86 19.19
C LEU D 102 9.89 20.19 18.63
N HIS D 103 8.90 20.81 19.27
CA HIS D 103 8.27 21.98 18.67
C HIS D 103 8.13 23.14 19.64
N LEU D 104 8.80 24.25 19.32
CA LEU D 104 8.53 25.53 19.97
C LEU D 104 8.34 26.56 18.85
N PRO D 105 7.78 27.74 19.17
CA PRO D 105 7.29 28.60 18.07
C PRO D 105 8.33 28.91 16.96
N PRO D 106 9.57 29.28 17.31
CA PRO D 106 10.46 29.53 16.16
C PRO D 106 10.86 28.25 15.42
N TYR D 107 11.07 27.15 16.13
CA TYR D 107 11.65 25.95 15.52
C TYR D 107 10.90 24.64 15.73
N ARG D 108 10.96 23.79 14.71
CA ARG D 108 10.40 22.45 14.79
C ARG D 108 11.39 21.41 14.27
N TYR D 109 11.72 20.47 15.14
CA TYR D 109 12.66 19.39 14.84
C TYR D 109 11.91 18.07 14.69
N ARG D 110 12.35 17.25 13.75
CA ARG D 110 11.88 15.87 13.65
C ARG D 110 13.04 14.93 13.39
N PHE D 111 13.15 13.90 14.22
CA PHE D 111 14.21 12.91 14.06
C PHE D 111 13.61 11.54 13.81
N ASP D 112 13.83 11.00 12.62
CA ASP D 112 13.34 9.68 12.27
C ASP D 112 14.44 8.63 12.40
N PHE D 113 14.18 7.60 13.18
CA PHE D 113 15.15 6.52 13.39
C PHE D 113 14.73 5.24 12.68
N SER D 114 15.64 4.70 11.87
CA SER D 114 15.37 3.47 11.12
C SER D 114 16.44 2.42 11.45
N PRO D 115 16.01 1.16 11.56
CA PRO D 115 16.89 0.04 11.94
C PRO D 115 17.83 -0.42 10.83
N LEU D 116 19.05 -0.78 11.22
CA LEU D 116 20.02 -1.35 10.29
C LEU D 116 20.67 -2.58 10.93
N LYS D 117 20.42 -3.75 10.35
CA LYS D 117 20.93 -5.00 10.92
C LYS D 117 21.68 -5.83 9.89
N GLY D 118 22.64 -6.63 10.37
CA GLY D 118 23.38 -7.53 9.50
C GLY D 118 24.63 -8.06 10.15
N LYS D 119 25.23 -9.07 9.51
CA LYS D 119 26.50 -9.63 9.98
C LYS D 119 27.64 -8.69 9.63
N ASP D 120 27.61 -8.15 8.42
CA ASP D 120 28.59 -7.16 7.99
C ASP D 120 27.95 -5.78 8.02
N LEU D 121 28.58 -4.85 8.74
CA LEU D 121 28.05 -3.50 8.87
C LEU D 121 28.03 -2.74 7.55
N GLU D 122 29.19 -2.65 6.92
CA GLU D 122 29.36 -1.87 5.69
C GLU D 122 28.44 -2.37 4.58
N LYS D 123 28.41 -3.70 4.45
CA LYS D 123 27.54 -4.35 3.47
C LYS D 123 26.08 -4.01 3.72
N ALA D 124 25.71 -3.95 5.00
CA ALA D 124 24.33 -3.65 5.39
C ALA D 124 23.96 -2.20 5.08
N LEU D 125 24.86 -1.28 5.43
CA LEU D 125 24.65 0.14 5.14
C LEU D 125 24.47 0.37 3.65
N ILE D 126 25.39 -0.17 2.85
CA ILE D 126 25.27 -0.05 1.39
C ILE D 126 23.96 -0.71 0.91
N GLU D 127 23.64 -1.86 1.48
CA GLU D 127 22.43 -2.61 1.15
C GLU D 127 21.18 -1.75 1.33
N ASP D 128 21.16 -0.99 2.40
CA ASP D 128 20.04 -0.09 2.67
C ASP D 128 20.04 1.09 1.72
N LEU D 129 21.20 1.74 1.58
CA LEU D 129 21.33 2.94 0.76
C LEU D 129 20.96 2.71 -0.70
N LYS D 130 21.15 1.49 -1.19
CA LYS D 130 20.82 1.18 -2.58
C LYS D 130 19.31 1.15 -2.83
N GLU D 131 18.53 0.99 -1.78
CA GLU D 131 17.07 0.89 -1.93
C GLU D 131 16.34 2.22 -1.76
N ARG D 132 17.07 3.28 -1.41
CA ARG D 132 16.46 4.59 -1.20
C ARG D 132 16.06 5.25 -2.52
N ASP D 133 15.18 6.25 -2.44
CA ASP D 133 14.51 6.79 -3.62
C ASP D 133 15.41 7.44 -4.66
N PHE D 134 16.23 8.41 -4.23
CA PHE D 134 17.07 9.15 -5.15
C PHE D 134 18.54 9.13 -4.72
N THR D 135 19.42 9.42 -5.68
CA THR D 135 20.86 9.44 -5.42
C THR D 135 21.24 10.39 -4.30
N ALA D 136 20.74 11.62 -4.38
CA ALA D 136 21.04 12.65 -3.39
C ALA D 136 20.56 12.27 -1.99
N ASN D 137 19.52 11.45 -1.92
CA ASN D 137 18.97 11.02 -0.65
C ASN D 137 19.64 9.77 -0.10
N ALA D 138 20.44 9.12 -0.94
CA ALA D 138 21.09 7.86 -0.57
C ALA D 138 22.44 8.08 0.11
N ILE D 139 22.85 9.35 0.22
CA ILE D 139 24.13 9.67 0.84
C ILE D 139 24.05 9.58 2.36
N ALA D 140 25.09 9.01 2.97
CA ALA D 140 25.13 8.84 4.41
C ALA D 140 26.51 9.12 4.99
N VAL D 141 26.54 9.54 6.25
CA VAL D 141 27.80 9.72 6.98
C VAL D 141 27.68 9.05 8.34
N ASN D 142 28.80 8.85 9.02
CA ASN D 142 28.79 8.26 10.35
C ASN D 142 28.62 9.35 11.41
N LEU D 143 27.77 9.09 12.40
CA LEU D 143 27.46 10.06 13.44
C LEU D 143 28.70 10.44 14.26
N ASP D 144 29.55 9.46 14.53
CA ASP D 144 30.75 9.68 15.35
C ASP D 144 31.75 10.57 14.62
N ASP D 145 31.89 10.37 13.31
CA ASP D 145 32.80 11.17 12.51
C ASP D 145 32.31 12.61 12.41
N VAL D 146 31.01 12.82 12.57
CA VAL D 146 30.44 14.15 12.61
C VAL D 146 30.85 14.83 13.92
N LEU D 147 30.70 14.10 15.03
CA LEU D 147 31.07 14.62 16.34
C LEU D 147 32.56 14.42 16.61
N THR D 154 36.55 12.91 7.40
CA THR D 154 35.12 12.88 7.10
C THR D 154 34.83 11.91 5.95
N ILE D 155 34.34 10.73 6.30
CA ILE D 155 34.05 9.70 5.30
C ILE D 155 32.55 9.52 5.07
N VAL D 156 32.14 9.66 3.80
CA VAL D 156 30.72 9.54 3.45
C VAL D 156 30.46 8.28 2.63
N TYR D 157 29.24 7.75 2.73
CA TYR D 157 28.86 6.56 1.98
C TYR D 157 27.80 6.89 0.94
N ASP D 158 28.17 6.83 -0.34
CA ASP D 158 27.19 7.01 -1.41
C ASP D 158 27.44 6.02 -2.56
N PRO D 159 26.91 4.79 -2.42
CA PRO D 159 27.03 3.74 -3.44
C PRO D 159 26.26 4.06 -4.71
N THR D 160 25.31 4.99 -4.62
CA THR D 160 24.49 5.37 -5.76
C THR D 160 25.10 6.54 -6.53
N GLY D 161 26.25 7.01 -6.04
CA GLY D 161 26.96 8.10 -6.67
C GLY D 161 26.17 9.39 -6.63
N GLY D 162 25.70 9.73 -5.44
CA GLY D 162 24.86 10.91 -5.24
C GLY D 162 25.55 12.24 -5.44
N ILE D 163 26.72 12.41 -4.82
CA ILE D 163 27.44 13.68 -4.82
C ILE D 163 27.74 14.20 -6.22
N LYS D 164 28.24 13.32 -7.07
CA LYS D 164 28.52 13.64 -8.47
C LYS D 164 27.27 14.19 -9.17
N ASP D 165 26.12 13.60 -8.83
CA ASP D 165 24.85 14.01 -9.40
C ASP D 165 24.39 15.35 -8.82
N LEU D 166 24.74 15.60 -7.57
CA LEU D 166 24.38 16.87 -6.91
C LEU D 166 25.19 18.03 -7.47
N GLU D 167 26.43 17.73 -7.87
CA GLU D 167 27.29 18.73 -8.48
C GLU D 167 26.77 19.16 -9.85
N GLN D 168 26.13 18.24 -10.56
CA GLN D 168 25.58 18.53 -11.88
C GLN D 168 24.19 19.16 -11.75
N GLY D 169 23.74 19.33 -10.51
CA GLY D 169 22.44 19.89 -10.23
C GLY D 169 21.33 18.92 -10.60
N LEU D 170 21.64 17.63 -10.52
CA LEU D 170 20.71 16.59 -10.95
C LEU D 170 20.12 15.81 -9.78
N LEU D 171 18.84 15.47 -9.88
CA LEU D 171 18.23 14.54 -8.94
C LEU D 171 17.85 13.27 -9.69
N ARG D 172 18.61 12.20 -9.44
CA ARG D 172 18.45 10.95 -10.17
C ARG D 172 17.98 9.81 -9.28
N PRO D 173 16.85 9.18 -9.65
CA PRO D 173 16.39 8.00 -8.91
C PRO D 173 17.42 6.87 -8.98
N VAL D 174 17.59 6.15 -7.87
CA VAL D 174 18.55 5.06 -7.81
C VAL D 174 18.19 3.99 -8.82
N SER D 175 16.93 3.61 -8.84
CA SER D 175 16.40 2.71 -9.85
C SER D 175 14.93 3.04 -10.11
N ILE D 176 14.48 2.79 -11.33
CA ILE D 176 13.08 2.98 -11.67
C ILE D 176 12.23 1.95 -10.94
N GLU D 177 12.88 0.86 -10.53
CA GLU D 177 12.23 -0.16 -9.71
C GLU D 177 11.92 0.38 -8.33
N ASN D 178 12.82 1.20 -7.80
CA ASN D 178 12.60 1.86 -6.52
C ASN D 178 11.43 2.83 -6.59
N LEU D 179 11.26 3.47 -7.75
CA LEU D 179 10.15 4.38 -7.96
C LEU D 179 8.84 3.63 -8.13
N LYS D 180 8.89 2.48 -8.78
CA LYS D 180 7.71 1.64 -8.96
C LYS D 180 7.26 1.00 -7.65
N ARG D 181 8.22 0.66 -6.80
CA ARG D 181 7.92 0.04 -5.50
C ARG D 181 7.15 0.99 -4.59
N ASP D 182 7.48 2.28 -4.67
CA ASP D 182 6.79 3.29 -3.88
C ASP D 182 6.50 4.52 -4.75
N PRO D 183 5.37 4.47 -5.48
CA PRO D 183 5.01 5.43 -6.53
C PRO D 183 4.89 6.88 -6.05
N VAL D 184 4.67 7.09 -4.76
CA VAL D 184 4.55 8.44 -4.23
C VAL D 184 5.88 9.19 -4.36
N ARG D 185 6.96 8.43 -4.51
CA ARG D 185 8.28 9.02 -4.74
C ARG D 185 8.28 9.82 -6.04
N VAL D 186 7.45 9.39 -7.00
CA VAL D 186 7.33 10.10 -8.27
C VAL D 186 6.90 11.53 -8.02
N LEU D 187 6.10 11.74 -6.97
CA LEU D 187 5.70 13.09 -6.61
C LEU D 187 6.82 13.80 -5.86
N ARG D 188 7.51 13.06 -4.99
CA ARG D 188 8.58 13.63 -4.19
C ARG D 188 9.66 14.27 -5.06
N GLY D 189 10.02 13.56 -6.14
CA GLY D 189 10.98 14.10 -7.08
C GLY D 189 10.54 15.48 -7.52
N PHE D 190 9.30 15.57 -7.98
CA PHE D 190 8.74 16.83 -8.47
C PHE D 190 8.88 17.88 -7.39
N ARG D 191 8.62 17.48 -6.15
CA ARG D 191 8.75 18.41 -5.06
C ARG D 191 10.22 18.81 -4.91
N ILE D 192 11.08 17.84 -4.66
CA ILE D 192 12.47 18.14 -4.30
C ILE D 192 13.18 18.92 -5.39
N ALA D 193 13.01 18.46 -6.63
CA ALA D 193 13.64 19.09 -7.78
C ALA D 193 13.32 20.57 -7.83
N ILE D 194 12.08 20.93 -7.50
CA ILE D 194 11.71 22.33 -7.46
C ILE D 194 12.10 22.95 -6.12
N GLU D 195 11.94 22.18 -5.03
CA GLU D 195 12.18 22.72 -3.69
C GLU D 195 13.66 22.98 -3.45
N LYS D 196 14.51 22.07 -3.92
CA LYS D 196 15.96 22.23 -3.79
C LYS D 196 16.56 22.82 -5.05
N ASN D 197 15.68 23.15 -6.00
CA ASN D 197 16.08 23.67 -7.31
C ASN D 197 17.13 22.79 -7.97
N LEU D 198 16.71 21.56 -8.28
CA LEU D 198 17.56 20.61 -8.98
C LEU D 198 16.85 20.19 -10.26
N GLN D 199 17.60 19.69 -11.22
CA GLN D 199 16.98 19.24 -12.47
C GLN D 199 16.91 17.71 -12.51
N LEU D 200 15.69 17.18 -12.58
CA LEU D 200 15.49 15.74 -12.67
C LEU D 200 16.06 15.16 -13.95
N THR D 201 16.55 13.92 -13.86
CA THR D 201 17.19 13.26 -15.00
C THR D 201 16.17 12.76 -16.01
N GLU D 202 16.66 12.15 -17.08
CA GLU D 202 15.85 11.79 -18.24
C GLU D 202 14.94 10.58 -17.98
N ASP D 203 15.51 9.54 -17.38
CA ASP D 203 14.79 8.29 -17.13
C ASP D 203 13.57 8.49 -16.23
N PHE D 204 13.65 9.47 -15.35
CA PHE D 204 12.53 9.79 -14.46
C PHE D 204 11.31 10.26 -15.27
N TYR D 205 11.52 11.30 -16.07
CA TYR D 205 10.45 11.84 -16.91
C TYR D 205 9.96 10.78 -17.88
N GLU D 206 10.87 9.95 -18.36
CA GLU D 206 10.50 8.84 -19.24
C GLU D 206 9.54 7.88 -18.55
N PHE D 207 9.90 7.46 -17.34
CA PHE D 207 9.08 6.54 -16.55
C PHE D 207 7.72 7.15 -16.24
N VAL D 208 7.69 8.45 -15.99
CA VAL D 208 6.41 9.14 -15.77
C VAL D 208 5.57 9.08 -17.03
N LYS D 209 6.21 9.32 -18.19
CA LYS D 209 5.54 9.24 -19.48
C LYS D 209 4.96 7.85 -19.75
N GLU D 210 5.67 6.81 -19.33
CA GLU D 210 5.21 5.43 -19.54
C GLU D 210 3.81 5.20 -18.96
N ASP D 211 3.72 5.19 -17.63
CA ASP D 211 2.44 5.04 -16.94
C ASP D 211 2.28 6.06 -15.82
N PRO D 212 1.70 7.23 -16.13
CA PRO D 212 1.47 8.30 -15.16
C PRO D 212 0.55 7.87 -14.01
N ARG D 213 -0.33 6.90 -14.27
CA ARG D 213 -1.32 6.47 -13.28
C ARG D 213 -0.71 5.77 -12.07
N ILE D 214 0.58 5.43 -12.16
CA ILE D 214 1.27 4.68 -11.12
C ILE D 214 1.09 5.30 -9.73
N VAL D 215 1.06 6.62 -9.69
CA VAL D 215 0.94 7.37 -8.44
C VAL D 215 -0.31 6.99 -7.63
N LEU D 216 -1.32 6.46 -8.30
CA LEU D 216 -2.57 6.10 -7.61
C LEU D 216 -2.42 4.82 -6.79
N LYS D 217 -1.28 4.15 -6.92
CA LYS D 217 -1.04 2.92 -6.18
C LYS D 217 -0.79 3.19 -4.70
N SER D 218 -0.05 4.27 -4.43
CA SER D 218 0.25 4.66 -3.05
C SER D 218 -0.94 5.34 -2.37
N ALA D 219 -0.85 5.49 -1.05
CA ALA D 219 -1.97 5.96 -0.25
C ALA D 219 -2.36 7.39 -0.61
N VAL D 220 -3.63 7.73 -0.40
CA VAL D 220 -4.19 8.98 -0.88
C VAL D 220 -3.76 10.23 -0.08
N GLU D 221 -3.72 10.13 1.24
CA GLU D 221 -3.35 11.29 2.06
C GLU D 221 -1.90 11.66 1.84
N ARG D 222 -1.07 10.68 1.48
CA ARG D 222 0.33 10.96 1.17
C ARG D 222 0.41 11.76 -0.12
N ILE D 223 -0.43 11.39 -1.08
CA ILE D 223 -0.52 12.09 -2.36
C ILE D 223 -0.94 13.54 -2.12
N THR D 224 -1.99 13.70 -1.32
CA THR D 224 -2.47 15.02 -0.91
C THR D 224 -1.37 15.84 -0.26
N HIS D 225 -0.67 15.22 0.68
CA HIS D 225 0.37 15.87 1.45
C HIS D 225 1.52 16.35 0.57
N GLU D 226 1.93 15.52 -0.38
CA GLU D 226 3.00 15.89 -1.29
C GLU D 226 2.54 17.00 -2.23
N LEU D 227 1.30 16.90 -2.70
CA LEU D 227 0.70 17.95 -3.53
C LEU D 227 0.73 19.29 -2.83
N PHE D 228 0.28 19.32 -1.57
CA PHE D 228 0.35 20.52 -0.74
C PHE D 228 1.77 21.03 -0.55
N LYS D 229 2.68 20.14 -0.17
CA LYS D 229 4.08 20.50 0.06
C LYS D 229 4.69 21.13 -1.20
N ILE D 230 4.20 20.69 -2.36
CA ILE D 230 4.59 21.31 -3.63
C ILE D 230 3.95 22.69 -3.75
N MET D 231 2.66 22.78 -3.43
CA MET D 231 1.94 24.06 -3.48
C MET D 231 2.46 25.12 -2.51
N LYS D 232 3.32 24.72 -1.57
CA LYS D 232 3.79 25.64 -0.55
C LYS D 232 4.78 26.67 -1.12
N GLU D 233 5.71 26.21 -1.93
CA GLU D 233 6.73 27.08 -2.51
C GLU D 233 6.13 27.97 -3.59
N LYS D 234 6.84 29.05 -3.92
CA LYS D 234 6.29 30.11 -4.77
C LYS D 234 6.51 29.87 -6.27
N THR D 235 7.28 28.86 -6.61
CA THR D 235 7.48 28.47 -8.00
C THR D 235 6.54 27.33 -8.39
N ALA D 236 5.63 26.98 -7.48
CA ALA D 236 4.78 25.80 -7.58
C ALA D 236 3.99 25.66 -8.88
N HIS D 237 3.67 26.78 -9.53
CA HIS D 237 2.85 26.74 -10.74
C HIS D 237 3.57 26.00 -11.87
N LYS D 238 4.89 26.10 -11.88
CA LYS D 238 5.70 25.40 -12.86
C LYS D 238 5.59 23.89 -12.66
N VAL D 239 5.69 23.46 -11.41
CA VAL D 239 5.57 22.05 -11.06
C VAL D 239 4.18 21.52 -11.39
N ILE D 240 3.16 22.33 -11.10
CA ILE D 240 1.78 21.94 -11.38
C ILE D 240 1.58 21.80 -12.88
N ARG D 241 2.18 22.71 -13.64
CA ARG D 241 2.18 22.63 -15.09
C ARG D 241 2.82 21.32 -15.55
N GLU D 242 3.96 20.98 -14.95
CA GLU D 242 4.63 19.72 -15.26
C GLU D 242 3.76 18.50 -14.93
N LEU D 243 2.94 18.62 -13.88
CA LEU D 243 2.08 17.52 -13.47
C LEU D 243 0.86 17.40 -14.38
N TYR D 244 0.46 18.51 -14.98
CA TYR D 244 -0.65 18.49 -15.93
C TYR D 244 -0.19 17.95 -17.29
N GLU D 245 0.99 18.37 -17.71
CA GLU D 245 1.54 17.97 -18.99
C GLU D 245 1.86 16.47 -19.03
N TYR D 246 2.40 15.95 -17.95
CA TYR D 246 2.74 14.53 -17.86
C TYR D 246 1.52 13.71 -17.42
N GLY D 247 0.41 14.39 -17.18
CA GLY D 247 -0.85 13.73 -16.88
C GLY D 247 -0.94 13.06 -15.52
N VAL D 248 0.00 13.36 -14.63
CA VAL D 248 -0.05 12.84 -13.28
C VAL D 248 -1.18 13.52 -12.49
N LEU D 249 -1.27 14.84 -12.66
CA LEU D 249 -2.32 15.63 -12.02
C LEU D 249 -3.69 15.17 -12.49
N GLU D 250 -3.78 14.83 -13.76
CA GLU D 250 -5.02 14.33 -14.34
C GLU D 250 -5.43 13.02 -13.68
N ALA D 251 -4.46 12.14 -13.49
CA ALA D 251 -4.68 10.84 -12.85
C ALA D 251 -5.14 11.02 -11.41
N ILE D 252 -4.52 11.96 -10.69
CA ILE D 252 -4.88 12.20 -9.30
C ILE D 252 -6.17 13.01 -9.16
N ILE D 253 -6.31 14.04 -9.98
CA ILE D 253 -7.53 14.84 -9.98
C ILE D 253 -8.16 14.85 -11.37
N PRO D 254 -9.05 13.88 -11.62
CA PRO D 254 -9.71 13.69 -12.93
C PRO D 254 -10.49 14.92 -13.40
N GLU D 255 -11.09 15.66 -12.47
CA GLU D 255 -11.92 16.79 -12.82
C GLU D 255 -11.14 17.94 -13.47
N ILE D 256 -9.81 17.89 -13.36
CA ILE D 256 -8.95 18.87 -14.01
C ILE D 256 -8.87 18.62 -15.52
N GLY D 257 -8.84 17.35 -15.90
CA GLY D 257 -8.74 16.96 -17.29
C GLY D 257 -9.88 17.41 -18.17
N ARG D 258 -11.01 17.77 -17.56
CA ARG D 258 -12.20 18.17 -18.31
C ARG D 258 -12.20 19.66 -18.68
N LEU D 259 -11.14 20.37 -18.32
CA LEU D 259 -10.98 21.76 -18.74
C LEU D 259 -10.52 21.84 -20.19
N ARG D 260 -10.04 20.71 -20.70
CA ARG D 260 -9.47 20.66 -22.04
C ARG D 260 -10.53 20.59 -23.13
N GLU D 261 -11.59 19.85 -22.88
CA GLU D 261 -12.61 19.58 -23.90
C GLU D 261 -13.37 20.83 -24.34
N VAL D 262 -13.32 21.89 -23.53
CA VAL D 262 -13.95 23.15 -23.88
C VAL D 262 -12.90 24.18 -24.28
N LYS D 263 -13.05 24.74 -25.48
CA LYS D 263 -12.10 25.71 -26.01
C LYS D 263 -12.62 27.14 -25.90
N ASP D 264 -11.72 28.07 -25.59
CA ASP D 264 -12.10 29.47 -25.41
C ASP D 264 -12.03 30.23 -26.74
N PRO D 272 -8.02 28.65 -24.83
CA PRO D 272 -7.27 27.69 -24.00
C PRO D 272 -7.64 27.79 -22.53
N LEU D 273 -8.52 26.91 -22.05
CA LEU D 273 -9.01 26.98 -20.68
C LEU D 273 -7.99 26.49 -19.65
N ASP D 274 -7.34 25.38 -19.95
CA ASP D 274 -6.33 24.83 -19.06
C ASP D 274 -5.17 25.80 -18.90
N GLU D 275 -4.74 26.38 -20.00
CA GLU D 275 -3.69 27.39 -20.00
C GLU D 275 -4.17 28.63 -19.26
N HIS D 276 -5.46 28.90 -19.36
CA HIS D 276 -6.09 30.01 -18.63
C HIS D 276 -5.94 29.80 -17.13
N THR D 277 -6.21 28.59 -16.67
CA THR D 277 -6.11 28.28 -15.25
C THR D 277 -4.67 28.25 -14.76
N LEU D 278 -3.77 27.67 -15.56
CA LEU D 278 -2.35 27.62 -15.19
C LEU D 278 -1.73 29.01 -15.11
N LYS D 279 -2.04 29.86 -16.08
CA LYS D 279 -1.56 31.24 -16.06
C LYS D 279 -2.23 32.02 -14.94
N THR D 280 -3.48 31.67 -14.63
CA THR D 280 -4.17 32.24 -13.49
C THR D 280 -3.40 31.92 -12.21
N LEU D 281 -2.86 30.70 -12.16
CA LEU D 281 -2.08 30.26 -11.01
C LEU D 281 -0.75 31.01 -10.89
N GLU D 282 -0.02 31.09 -12.01
CA GLU D 282 1.23 31.81 -12.05
C GLU D 282 1.05 33.26 -11.62
N TYR D 283 0.04 33.89 -12.19
CA TYR D 283 -0.30 35.27 -11.87
C TYR D 283 -0.75 35.40 -10.42
N LEU D 284 -1.36 34.34 -9.89
CA LEU D 284 -1.77 34.36 -8.48
C LEU D 284 -0.55 34.34 -7.57
N GLU D 285 0.49 33.63 -7.99
CA GLU D 285 1.73 33.61 -7.24
C GLU D 285 2.44 34.97 -7.33
N GLN D 286 2.45 35.54 -8.53
CA GLN D 286 2.99 36.89 -8.75
C GLN D 286 2.31 37.90 -7.84
N VAL D 287 0.98 37.82 -7.78
CA VAL D 287 0.18 38.73 -6.98
C VAL D 287 0.42 38.49 -5.49
N ILE D 288 0.58 37.21 -5.13
CA ILE D 288 0.87 36.82 -3.75
C ILE D 288 2.17 37.45 -3.26
N GLU D 289 3.19 37.46 -4.11
CA GLU D 289 4.44 38.13 -3.74
C GLU D 289 4.25 39.65 -3.64
N ASP D 290 3.33 40.18 -4.43
CA ASP D 290 3.04 41.61 -4.44
C ASP D 290 1.85 42.01 -3.57
N ARG D 291 1.32 41.04 -2.82
CA ARG D 291 0.07 41.22 -2.08
C ARG D 291 0.06 42.43 -1.14
N ALA D 292 1.26 42.90 -0.77
CA ALA D 292 1.38 44.00 0.18
C ALA D 292 0.85 45.32 -0.39
N LYS D 293 1.12 45.56 -1.66
CA LYS D 293 0.70 46.80 -2.31
C LYS D 293 -0.74 46.75 -2.84
N TYR D 294 -1.30 45.56 -2.93
CA TYR D 294 -2.70 45.40 -3.35
C TYR D 294 -3.67 45.53 -2.19
N LEU D 295 -3.57 44.64 -1.22
CA LEU D 295 -4.49 44.64 -0.07
C LEU D 295 -4.20 45.73 0.97
N SER D 296 -5.21 46.07 1.76
CA SER D 296 -5.04 47.01 2.85
C SER D 296 -4.27 46.36 4.00
N ALA D 297 -4.04 47.12 5.06
CA ALA D 297 -3.24 46.63 6.18
C ALA D 297 -4.00 45.60 7.02
N GLU D 298 -5.25 45.90 7.33
CA GLU D 298 -6.07 45.03 8.17
C GLU D 298 -6.39 43.70 7.47
N LEU D 299 -6.43 43.73 6.14
CA LEU D 299 -6.69 42.51 5.38
C LEU D 299 -5.43 41.66 5.25
N LEU D 300 -4.26 42.31 5.30
CA LEU D 300 -2.99 41.61 5.28
C LEU D 300 -2.60 41.13 6.67
N GLU D 301 -3.28 41.66 7.68
CA GLU D 301 -2.97 41.35 9.08
C GLU D 301 -3.01 39.85 9.38
N ASN D 302 -4.16 39.23 9.15
CA ASN D 302 -4.30 37.79 9.41
C ASN D 302 -4.13 36.90 8.19
N PHE D 303 -3.80 37.50 7.05
CA PHE D 303 -3.60 36.71 5.83
C PHE D 303 -2.39 35.79 5.97
N GLY D 304 -2.61 34.50 5.74
CA GLY D 304 -1.53 33.52 5.78
C GLY D 304 -1.40 32.79 7.10
N LYS D 305 -2.21 33.15 8.09
CA LYS D 305 -2.11 32.57 9.43
C LYS D 305 -3.04 31.39 9.69
N LYS D 306 -3.92 31.07 8.74
CA LYS D 306 -4.86 29.98 8.94
C LYS D 306 -4.17 28.63 8.74
N ARG D 307 -4.19 27.80 9.76
CA ARG D 307 -3.47 26.53 9.70
C ARG D 307 -4.34 25.38 9.18
N VAL D 308 -3.85 24.66 8.19
CA VAL D 308 -4.55 23.50 7.66
C VAL D 308 -3.62 22.32 7.51
N LEU D 309 -4.02 21.16 8.03
CA LEU D 309 -3.19 19.98 7.95
C LEU D 309 -1.88 20.23 8.65
N GLY D 310 -1.93 21.04 9.68
CA GLY D 310 -0.79 21.32 10.53
C GLY D 310 0.30 22.22 10.00
N GLU D 311 0.89 21.86 8.87
CA GLU D 311 2.03 22.63 8.35
C GLU D 311 1.66 23.62 7.23
N PHE D 312 0.40 23.64 6.82
CA PHE D 312 0.01 24.43 5.66
C PHE D 312 -0.93 25.57 6.02
N THR D 313 -0.90 26.62 5.20
CA THR D 313 -1.68 27.81 5.45
C THR D 313 -2.79 28.00 4.41
N ASP D 314 -3.55 29.10 4.55
CA ASP D 314 -4.64 29.41 3.63
C ASP D 314 -4.13 29.86 2.26
N VAL D 315 -2.82 30.05 2.16
CA VAL D 315 -2.19 30.42 0.89
C VAL D 315 -2.23 29.24 -0.09
N GLU D 316 -1.88 28.06 0.43
CA GLU D 316 -1.97 26.84 -0.36
C GLU D 316 -3.40 26.61 -0.81
N LEU D 317 -4.34 26.87 0.10
CA LEU D 317 -5.76 26.73 -0.19
C LEU D 317 -6.19 27.75 -1.24
N LEU D 318 -5.52 28.90 -1.25
CA LEU D 318 -5.76 29.92 -2.26
C LEU D 318 -5.32 29.40 -3.63
N LYS D 319 -4.11 28.85 -3.68
CA LYS D 319 -3.57 28.35 -4.95
C LYS D 319 -4.39 27.17 -5.48
N TRP D 320 -4.84 26.31 -4.56
CA TRP D 320 -5.73 25.22 -4.91
C TRP D 320 -7.04 25.79 -5.44
N GLY D 321 -7.46 26.91 -4.85
CA GLY D 321 -8.64 27.61 -5.30
C GLY D 321 -8.45 28.15 -6.71
N ALA D 322 -7.22 28.48 -7.06
CA ALA D 322 -6.91 28.96 -8.40
C ALA D 322 -6.86 27.84 -9.41
N LEU D 323 -6.40 26.66 -8.98
CA LEU D 323 -6.37 25.51 -9.86
C LEU D 323 -7.79 25.09 -10.22
N PHE D 324 -8.70 25.18 -9.25
CA PHE D 324 -10.09 24.76 -9.43
C PHE D 324 -11.00 25.92 -9.80
N HIS D 325 -10.42 27.11 -9.99
CA HIS D 325 -11.19 28.36 -10.01
C HIS D 325 -12.34 28.34 -11.01
N ASP D 326 -12.12 27.83 -12.22
CA ASP D 326 -13.25 27.39 -13.01
C ASP D 326 -13.15 25.88 -13.24
N ILE D 327 -13.87 25.10 -12.44
CA ILE D 327 -14.02 23.69 -12.74
C ILE D 327 -15.42 23.39 -13.26
N GLY D 328 -16.27 24.41 -13.26
CA GLY D 328 -17.68 24.22 -13.55
C GLY D 328 -18.05 24.58 -14.97
N LYS D 329 -17.14 25.26 -15.66
CA LYS D 329 -17.33 25.62 -17.06
C LYS D 329 -17.59 24.41 -17.96
N PRO D 330 -16.86 23.29 -17.74
CA PRO D 330 -17.22 22.14 -18.59
C PRO D 330 -18.58 21.53 -18.27
N GLN D 331 -19.10 21.77 -17.07
CA GLN D 331 -20.39 21.19 -16.67
C GLN D 331 -21.59 21.94 -17.24
N THR D 332 -21.51 23.26 -17.28
CA THR D 332 -22.59 24.09 -17.81
C THR D 332 -22.17 24.78 -19.10
N PHE D 333 -22.93 24.56 -20.17
CA PHE D 333 -22.62 25.18 -21.46
C PHE D 333 -23.88 25.54 -22.23
N ALA D 334 -23.71 26.37 -23.25
CA ALA D 334 -24.83 26.78 -24.11
C ALA D 334 -24.45 26.68 -25.58
N PHE D 342 -21.68 29.69 -19.53
CA PHE D 342 -21.65 28.83 -18.35
C PHE D 342 -22.25 29.58 -17.16
N TYR D 343 -23.53 29.31 -16.90
CA TYR D 343 -24.27 30.04 -15.87
C TYR D 343 -23.98 29.59 -14.43
N GLU D 344 -24.11 28.29 -14.17
CA GLU D 344 -24.11 27.77 -12.81
C GLU D 344 -22.74 27.29 -12.35
N HIS D 345 -21.73 27.54 -13.18
CA HIS D 345 -20.39 26.96 -13.00
C HIS D 345 -19.74 27.20 -11.63
N ASP D 346 -20.17 28.24 -10.92
CA ASP D 346 -19.58 28.53 -9.62
C ASP D 346 -20.09 27.58 -8.52
N LYS D 347 -21.40 27.35 -8.47
CA LYS D 347 -21.97 26.40 -7.51
C LYS D 347 -21.51 24.98 -7.81
N VAL D 348 -21.61 24.60 -9.07
CA VAL D 348 -21.14 23.31 -9.54
C VAL D 348 -19.68 23.16 -9.17
N GLY D 349 -18.92 24.22 -9.36
CA GLY D 349 -17.52 24.26 -8.96
C GLY D 349 -17.35 23.98 -7.48
N ALA D 350 -18.20 24.60 -6.67
CA ALA D 350 -18.15 24.44 -5.23
C ALA D 350 -18.37 22.98 -4.81
N GLN D 351 -19.46 22.39 -5.32
CA GLN D 351 -19.79 21.01 -4.97
C GLN D 351 -18.73 20.04 -5.49
N ILE D 352 -18.21 20.29 -6.69
CA ILE D 352 -17.15 19.46 -7.26
C ILE D 352 -15.90 19.50 -6.38
N VAL D 353 -15.48 20.71 -6.01
CA VAL D 353 -14.33 20.88 -5.12
C VAL D 353 -14.56 20.15 -3.80
N ARG D 354 -15.77 20.25 -3.26
CA ARG D 354 -16.11 19.56 -2.02
C ARG D 354 -15.95 18.05 -2.18
N GLU D 355 -16.39 17.54 -3.32
CA GLU D 355 -16.24 16.11 -3.63
C GLU D 355 -14.75 15.72 -3.71
N ILE D 356 -13.95 16.60 -4.33
CA ILE D 356 -12.53 16.36 -4.46
C ILE D 356 -11.86 16.30 -3.08
N GLY D 357 -12.23 17.24 -2.22
CA GLY D 357 -11.72 17.26 -0.86
C GLY D 357 -12.11 16.02 -0.09
N GLU D 358 -13.35 15.58 -0.28
CA GLU D 358 -13.84 14.35 0.32
C GLU D 358 -13.00 13.14 -0.12
N ARG D 359 -12.77 13.03 -1.43
CA ARG D 359 -12.09 11.88 -2.00
C ARG D 359 -10.61 11.84 -1.67
N LEU D 360 -9.96 12.99 -1.78
CA LEU D 360 -8.50 13.09 -1.65
C LEU D 360 -8.08 13.19 -0.18
N ARG D 361 -9.07 13.11 0.70
CA ARG D 361 -8.85 13.06 2.14
C ARG D 361 -8.17 14.32 2.66
N TRP D 362 -8.65 15.47 2.21
CA TRP D 362 -8.20 16.76 2.75
C TRP D 362 -8.82 16.94 4.12
N GLY D 363 -8.60 18.10 4.73
CA GLY D 363 -9.32 18.45 5.94
C GLY D 363 -10.77 18.71 5.56
N ASP D 364 -11.64 18.86 6.55
CA ASP D 364 -12.99 19.33 6.28
C ASP D 364 -13.01 20.84 6.15
N GLU D 365 -12.24 21.51 6.98
CA GLU D 365 -12.14 22.97 6.96
C GLU D 365 -11.38 23.46 5.74
N ALA D 366 -10.41 22.66 5.30
CA ALA D 366 -9.63 22.98 4.12
C ALA D 366 -10.49 22.95 2.85
N THR D 367 -11.21 21.84 2.65
CA THR D 367 -12.02 21.69 1.46
C THR D 367 -13.20 22.66 1.49
N GLU D 368 -13.67 22.99 2.69
CA GLU D 368 -14.70 24.00 2.84
C GLU D 368 -14.19 25.36 2.42
N PHE D 369 -12.99 25.71 2.87
CA PHE D 369 -12.38 26.99 2.52
C PHE D 369 -12.17 27.11 1.01
N VAL D 370 -11.61 26.06 0.40
CA VAL D 370 -11.36 26.08 -1.04
C VAL D 370 -12.66 26.11 -1.86
N ALA D 371 -13.63 25.30 -1.44
CA ALA D 371 -14.92 25.24 -2.13
C ALA D 371 -15.61 26.59 -2.08
N LYS D 372 -15.67 27.17 -0.88
CA LYS D 372 -16.23 28.51 -0.69
C LYS D 372 -15.47 29.54 -1.52
N LEU D 373 -14.16 29.32 -1.68
CA LEU D 373 -13.33 30.21 -2.48
C LEU D 373 -13.69 30.12 -3.95
N VAL D 374 -14.10 28.94 -4.39
CA VAL D 374 -14.46 28.72 -5.79
C VAL D 374 -15.86 29.27 -6.07
N ARG D 375 -16.77 29.03 -5.13
CA ARG D 375 -18.17 29.46 -5.23
C ARG D 375 -18.32 30.96 -5.48
N HIS D 376 -17.52 31.76 -4.77
CA HIS D 376 -17.62 33.21 -4.83
C HIS D 376 -16.66 33.89 -5.80
N HIS D 377 -15.90 33.10 -6.57
CA HIS D 377 -14.79 33.62 -7.36
C HIS D 377 -15.18 34.73 -8.35
N LEU D 378 -16.45 34.75 -8.77
CA LEU D 378 -16.90 35.75 -9.74
C LEU D 378 -17.57 36.97 -9.12
N ARG D 379 -17.74 36.96 -7.80
CA ARG D 379 -18.37 38.08 -7.08
C ARG D 379 -17.66 39.44 -7.28
N PRO D 380 -16.31 39.48 -7.17
CA PRO D 380 -15.65 40.77 -7.36
C PRO D 380 -15.80 41.34 -8.77
N PHE D 381 -16.05 40.47 -9.75
CA PHE D 381 -16.27 40.92 -11.12
C PHE D 381 -17.63 41.62 -11.22
N PHE D 382 -18.61 41.06 -10.51
CA PHE D 382 -19.95 41.63 -10.46
C PHE D 382 -19.91 42.98 -9.77
N LEU D 383 -19.23 43.03 -8.63
CA LEU D 383 -19.10 44.28 -7.89
C LEU D 383 -18.30 45.33 -8.67
N ARG D 384 -17.33 44.86 -9.45
CA ARG D 384 -16.56 45.75 -10.31
C ARG D 384 -17.42 46.35 -11.39
N GLU D 385 -18.22 45.52 -12.05
CA GLU D 385 -19.12 46.01 -13.10
C GLU D 385 -20.15 46.95 -12.48
N ALA D 386 -20.49 46.71 -11.22
CA ALA D 386 -21.38 47.59 -10.48
C ALA D 386 -20.69 48.93 -10.21
N PHE D 387 -19.37 48.92 -10.07
CA PHE D 387 -18.62 50.14 -9.82
C PHE D 387 -18.39 50.96 -11.09
N LYS D 388 -18.21 50.27 -12.21
CA LYS D 388 -17.92 50.91 -13.49
C LYS D 388 -19.07 51.82 -13.93
N LYS D 389 -20.28 51.44 -13.54
CA LYS D 389 -21.47 52.25 -13.83
C LYS D 389 -21.81 53.14 -12.64
N GLY D 390 -21.01 53.04 -11.58
CA GLY D 390 -21.22 53.83 -10.39
C GLY D 390 -22.45 53.40 -9.61
N GLU D 391 -22.87 52.16 -9.81
CA GLU D 391 -24.09 51.66 -9.18
C GLU D 391 -23.83 50.94 -7.87
N LEU D 392 -22.55 50.78 -7.51
CA LEU D 392 -22.20 50.09 -6.27
C LEU D 392 -22.31 51.01 -5.06
N LYS D 393 -23.15 50.61 -4.10
CA LYS D 393 -23.33 51.39 -2.89
C LYS D 393 -23.30 50.51 -1.64
N ARG D 394 -23.59 51.12 -0.50
CA ARG D 394 -23.45 50.47 0.82
C ARG D 394 -24.18 49.13 0.95
N ARG D 395 -25.30 48.99 0.24
CA ARG D 395 -26.11 47.77 0.30
C ARG D 395 -25.31 46.53 -0.12
N GLY D 396 -24.79 46.58 -1.35
CA GLY D 396 -24.05 45.47 -1.92
C GLY D 396 -22.75 45.19 -1.19
N MET D 397 -22.12 46.25 -0.69
CA MET D 397 -20.90 46.13 0.08
C MET D 397 -21.14 45.39 1.39
N ALA D 398 -22.15 45.86 2.13
CA ALA D 398 -22.58 45.22 3.37
C ALA D 398 -22.91 43.75 3.12
N ASN D 399 -23.63 43.49 2.04
CA ASN D 399 -23.97 42.11 1.67
C ASN D 399 -22.71 41.29 1.43
N PHE D 400 -21.75 41.89 0.73
CA PHE D 400 -20.49 41.22 0.40
C PHE D 400 -19.69 40.83 1.63
N TRP D 401 -19.51 41.79 2.55
CA TRP D 401 -18.72 41.50 3.74
C TRP D 401 -19.48 40.61 4.72
N ARG D 402 -20.81 40.64 4.65
CA ARG D 402 -21.62 39.70 5.44
C ARG D 402 -21.46 38.27 4.96
N GLU D 403 -21.75 38.04 3.68
CA GLU D 403 -21.75 36.69 3.12
C GLU D 403 -20.36 36.06 3.22
N CYS D 404 -19.37 36.68 2.59
CA CYS D 404 -18.00 36.26 2.79
C CYS D 404 -17.09 37.45 3.11
N GLY D 405 -16.69 37.54 4.38
CA GLY D 405 -15.67 38.49 4.79
C GLY D 405 -14.36 37.81 5.09
N ASP D 406 -14.44 36.48 5.26
CA ASP D 406 -13.33 35.68 5.73
C ASP D 406 -12.31 35.37 4.65
N ILE D 407 -12.80 35.17 3.42
CA ILE D 407 -11.94 34.86 2.28
C ILE D 407 -11.56 36.12 1.50
N ALA D 408 -11.96 37.28 2.02
CA ALA D 408 -11.80 38.57 1.35
C ALA D 408 -10.41 38.83 0.76
N PRO D 409 -9.32 38.66 1.56
CA PRO D 409 -8.03 38.92 0.92
C PRO D 409 -7.70 37.90 -0.17
N HIS D 410 -8.00 36.64 0.10
CA HIS D 410 -7.75 35.56 -0.84
C HIS D 410 -8.58 35.78 -2.11
N LEU D 411 -9.83 36.18 -1.91
CA LEU D 411 -10.75 36.41 -3.01
C LEU D 411 -10.30 37.58 -3.87
N PHE D 412 -9.81 38.64 -3.21
CA PHE D 412 -9.31 39.82 -3.91
C PHE D 412 -8.09 39.48 -4.77
N LEU D 413 -7.10 38.86 -4.13
CA LEU D 413 -5.88 38.44 -4.84
C LEU D 413 -6.24 37.54 -6.03
N LEU D 414 -7.15 36.61 -5.80
CA LEU D 414 -7.56 35.67 -6.85
C LEU D 414 -8.23 36.38 -8.00
N SER D 415 -9.12 37.32 -7.69
CA SER D 415 -9.84 38.07 -8.71
C SER D 415 -8.88 38.91 -9.55
N ILE D 416 -7.92 39.53 -8.89
CA ILE D 416 -6.88 40.27 -9.60
C ILE D 416 -6.09 39.35 -10.52
N ALA D 417 -5.70 38.19 -10.01
CA ALA D 417 -4.96 37.20 -10.77
C ALA D 417 -5.74 36.77 -12.02
N ASP D 418 -7.04 36.55 -11.85
CA ASP D 418 -7.92 36.13 -12.93
C ASP D 418 -8.07 37.25 -13.97
N ALA D 419 -8.15 38.49 -13.50
CA ALA D 419 -8.25 39.62 -14.40
C ALA D 419 -6.95 39.85 -15.16
N MET D 420 -5.84 39.37 -14.59
CA MET D 420 -4.56 39.42 -15.26
C MET D 420 -4.41 38.31 -16.29
N ALA D 421 -4.90 37.13 -15.96
CA ALA D 421 -4.73 35.95 -16.80
C ALA D 421 -5.61 36.00 -18.04
N SER D 422 -6.72 36.73 -17.94
CA SER D 422 -7.65 36.83 -19.06
C SER D 422 -7.20 37.91 -20.03
N GLY D 423 -6.13 38.61 -19.67
CA GLY D 423 -5.59 39.66 -20.50
C GLY D 423 -6.50 40.87 -20.57
N ASP D 424 -7.22 41.12 -19.49
CA ASP D 424 -8.10 42.28 -19.40
C ASP D 424 -7.30 43.57 -19.57
N GLU D 425 -7.91 44.56 -20.21
CA GLU D 425 -7.25 45.83 -20.48
C GLU D 425 -6.94 46.57 -19.17
N GLU D 426 -5.95 47.45 -19.23
CA GLU D 426 -5.48 48.19 -18.07
C GLU D 426 -6.61 48.95 -17.39
N GLU D 427 -7.52 49.49 -18.21
CA GLU D 427 -8.69 50.20 -17.72
C GLU D 427 -9.55 49.29 -16.84
N ASP D 428 -9.80 48.08 -17.33
CA ASP D 428 -10.64 47.12 -16.62
C ASP D 428 -10.00 46.66 -15.31
N ILE D 429 -8.73 46.28 -15.38
CA ILE D 429 -7.98 45.89 -14.19
C ILE D 429 -7.97 46.98 -13.13
N LYS D 430 -7.65 48.20 -13.53
CA LYS D 430 -7.58 49.32 -12.60
C LYS D 430 -8.96 49.64 -12.05
N ALA D 431 -9.98 49.41 -12.85
CA ALA D 431 -11.37 49.55 -12.40
C ALA D 431 -11.65 48.55 -11.28
N LEU D 432 -11.15 47.33 -11.47
CA LEU D 432 -11.30 46.28 -10.46
C LEU D 432 -10.60 46.65 -9.16
N MET D 433 -9.35 47.08 -9.27
CA MET D 433 -8.58 47.45 -8.09
C MET D 433 -9.19 48.65 -7.37
N GLU D 434 -9.84 49.54 -8.12
CA GLU D 434 -10.55 50.64 -7.50
C GLU D 434 -11.83 50.15 -6.80
N THR D 435 -12.44 49.11 -7.36
CA THR D 435 -13.61 48.49 -6.72
C THR D 435 -13.25 47.83 -5.39
N ILE D 436 -12.18 47.03 -5.41
CA ILE D 436 -11.63 46.44 -4.20
C ILE D 436 -11.31 47.53 -3.19
N ALA D 437 -10.70 48.61 -3.68
CA ALA D 437 -10.40 49.78 -2.85
C ALA D 437 -11.68 50.30 -2.19
N GLU D 438 -12.78 50.32 -2.94
CA GLU D 438 -14.05 50.82 -2.41
C GLU D 438 -14.60 49.91 -1.32
N LEU D 439 -14.50 48.60 -1.55
CA LEU D 439 -14.95 47.62 -0.55
C LEU D 439 -14.16 47.73 0.75
N GLU D 440 -12.84 47.72 0.63
CA GLU D 440 -11.95 47.86 1.79
C GLU D 440 -12.24 49.16 2.52
N SER D 441 -12.49 50.22 1.75
CA SER D 441 -12.79 51.53 2.32
C SER D 441 -14.11 51.51 3.06
N PHE D 442 -15.04 50.67 2.62
CA PHE D 442 -16.33 50.55 3.30
C PHE D 442 -16.21 49.76 4.59
N ASN D 443 -15.47 48.65 4.55
CA ASN D 443 -15.33 47.78 5.72
C ASN D 443 -14.48 48.39 6.81
N ARG D 444 -13.44 49.13 6.42
CA ARG D 444 -12.45 49.63 7.37
C ARG D 444 -13.05 50.58 8.41
N ASN D 445 -13.69 51.64 7.91
CA ASN D 445 -14.21 52.70 8.77
C ASN D 445 -15.73 52.66 8.89
N GLU D 446 -16.41 52.78 7.75
CA GLU D 446 -17.86 52.93 7.67
C GLU D 446 -18.66 51.77 8.26
N MET D 447 -18.00 50.67 8.60
CA MET D 447 -18.68 49.55 9.27
C MET D 447 -18.33 49.47 10.75
N LYS D 448 -19.31 49.78 11.59
CA LYS D 448 -19.15 49.70 13.05
C LYS D 448 -20.33 49.01 13.71
N UNK D 473 -40.96 28.91 15.99
CA UNK D 473 -39.55 28.80 15.66
C UNK D 473 -39.05 29.62 14.46
N UNK D 474 -39.61 29.31 13.29
CA UNK D 474 -39.14 29.87 12.02
C UNK D 474 -39.47 31.36 11.91
N UNK D 475 -40.56 31.77 12.54
CA UNK D 475 -40.98 33.17 12.52
C UNK D 475 -39.89 34.05 13.14
N UNK D 476 -39.28 33.55 14.21
CA UNK D 476 -38.19 34.26 14.88
C UNK D 476 -36.98 34.39 13.96
N UNK D 477 -36.73 33.35 13.17
CA UNK D 477 -35.63 33.35 12.21
C UNK D 477 -35.86 34.40 11.14
N UNK D 478 -37.05 34.37 10.54
CA UNK D 478 -37.41 35.33 9.51
C UNK D 478 -37.37 36.75 10.03
N UNK D 479 -37.78 36.93 11.29
CA UNK D 479 -37.78 38.24 11.93
C UNK D 479 -36.35 38.73 12.15
N UNK D 480 -35.48 37.84 12.62
CA UNK D 480 -34.08 38.20 12.86
C UNK D 480 -33.38 38.56 11.55
N UNK D 481 -33.60 37.74 10.53
CA UNK D 481 -33.01 37.97 9.21
C UNK D 481 -33.53 39.26 8.58
N UNK D 482 -34.81 39.53 8.77
CA UNK D 482 -35.43 40.72 8.21
C UNK D 482 -34.94 41.98 8.92
N UNK D 483 -34.76 41.88 10.23
CA UNK D 483 -34.28 43.01 11.02
C UNK D 483 -32.80 43.26 10.75
N UNK D 484 -32.07 42.20 10.41
CA UNK D 484 -30.66 42.33 10.08
C UNK D 484 -30.46 42.88 8.67
N UNK D 485 -31.33 42.48 7.76
CA UNK D 485 -31.24 42.93 6.37
C UNK D 485 -31.75 44.36 6.20
N UNK D 486 -32.80 44.71 6.93
CA UNK D 486 -33.38 46.05 6.86
C UNK D 486 -32.49 47.07 7.56
N UNK D 487 -31.69 46.62 8.51
CA UNK D 487 -30.77 47.51 9.23
C UNK D 487 -29.60 47.91 8.34
N UNK D 488 -29.38 47.15 7.27
CA UNK D 488 -28.32 47.46 6.32
C UNK D 488 -28.88 48.23 5.13
N UNK D 491 -32.68 53.87 19.28
CA UNK D 491 -33.37 53.41 18.07
C UNK D 491 -33.90 52.00 18.25
N UNK D 492 -34.02 51.57 19.50
CA UNK D 492 -34.49 50.23 19.81
C UNK D 492 -35.99 50.06 19.56
N UNK D 493 -36.78 50.92 20.18
CA UNK D 493 -38.25 50.85 20.08
C UNK D 493 -38.73 50.99 18.63
N UNK D 494 -38.04 51.81 17.85
CA UNK D 494 -38.39 52.01 16.45
C UNK D 494 -38.25 50.70 15.67
N UNK D 495 -37.10 50.06 15.82
CA UNK D 495 -36.85 48.78 15.17
C UNK D 495 -37.79 47.69 15.68
N UNK D 496 -38.17 47.79 16.95
CA UNK D 496 -39.12 46.87 17.55
C UNK D 496 -40.49 46.99 16.87
N UNK D 497 -40.94 48.22 16.69
CA UNK D 497 -42.19 48.49 15.99
C UNK D 497 -42.11 48.05 14.55
N UNK D 498 -40.92 48.21 13.95
CA UNK D 498 -40.68 47.76 12.58
C UNK D 498 -40.81 46.25 12.45
N UNK D 499 -40.34 45.54 13.47
CA UNK D 499 -40.47 44.09 13.52
C UNK D 499 -41.93 43.70 13.69
N UNK D 500 -42.64 44.47 14.52
CA UNK D 500 -44.06 44.27 14.73
C UNK D 500 -44.82 44.44 13.42
N UNK D 501 -44.35 45.35 12.58
CA UNK D 501 -44.93 45.56 11.26
C UNK D 501 -44.55 44.44 10.31
N UNK D 502 -43.35 43.89 10.50
CA UNK D 502 -42.86 42.79 9.67
C UNK D 502 -43.58 41.48 9.97
N UNK D 503 -44.11 41.35 11.19
CA UNK D 503 -44.79 40.13 11.60
C UNK D 503 -46.12 39.91 10.85
N UNK D 504 -46.83 41.00 10.60
CA UNK D 504 -48.11 40.92 9.90
C UNK D 504 -47.97 41.29 8.43
S SO4 E . 6.87 -27.89 12.63
O1 SO4 E . 5.76 -28.56 11.97
O2 SO4 E . 8.11 -28.64 12.41
O3 SO4 E . 7.02 -26.55 12.09
O4 SO4 E . 6.60 -27.79 14.07
S SO4 F . 2.08 -34.98 4.02
O1 SO4 F . 2.74 -35.08 2.73
O2 SO4 F . 3.03 -35.31 5.09
O3 SO4 F . 1.61 -33.62 4.23
O4 SO4 F . 0.95 -35.90 4.06
S SO4 G . 13.76 14.30 2.72
O1 SO4 G . 14.85 14.06 1.79
O2 SO4 G . 14.29 14.41 4.08
O3 SO4 G . 13.07 15.53 2.35
O4 SO4 G . 12.83 13.18 2.67
S SO4 H . 11.50 26.40 6.47
O1 SO4 H . 11.81 27.11 5.23
O2 SO4 H . 12.52 25.38 6.70
O3 SO4 H . 11.49 27.35 7.58
O4 SO4 H . 10.20 25.77 6.34
#